data_7KMI
#
_entry.id   7KMI
#
_cell.length_a   105.239
_cell.length_b   74.046
_cell.length_c   126.086
_cell.angle_alpha   90.000
_cell.angle_beta   111.850
_cell.angle_gamma   90.000
#
_symmetry.space_group_name_H-M   'C 1 2 1'
#
loop_
_entity.id
_entity.type
_entity.pdbx_description
1 polymer 'LY-CoV481 Fab heavy chain'
2 polymer 'LY-CoV481 Fab light chain'
3 polymer 'Spike protein S1'
4 non-polymer GLYCEROL
5 non-polymer 2-acetamido-2-deoxy-beta-D-glucopyranose
6 water water
#
loop_
_entity_poly.entity_id
_entity_poly.type
_entity_poly.pdbx_seq_one_letter_code
_entity_poly.pdbx_strand_id
1 'polypeptide(L)'
;EVQLVESGGGLIQPGGSLRLSCAASGFTVSSNYMSWVRQAPGKGLEWVSVIYPGGSTFYADSVKGRFTISRDNSKNTLYL
QMNSLRAEDTAVYYCAREVAGTYDYWGQGTLVTVSSASTKGPSVFPLAPCSRSTSESTAALGCLVKDYFPEPVTVSWNSG
ALTSGVHTFPAVLQSSGLYSLSSVVTVPSSSLGTKTYTCNVDHKPSNTKVDKRVHHHHHH
;
A
2 'polypeptide(L)'
;DIQMTQSPSSVSASVGDRVTITCRASQGISSWLAWYQQKPGKAPKLLIYAASSLQSGVPSRFSGSGSGTDFTLTISSLQP
EDFATYYCQQANSFPGGTFGPGTKVDIKRTVAAPSVFIFPPSDEQLKSGTASVVCLLNNFYPREAKVQWKVDNALQSGNS
QESVTEQDSKDSTYSLSSTLTLSKADYEKHKVYACEVTQGTTSVTKSFNRGEC
;
B
3 'polypeptide(L)'
;FPNITNLCPFGEVFNATRFASVYAWNRKRISNCVADYSVLYNSASFSTFKCYGVSPTKLNDLCFTNVYADSFVIRGDEVR
QIAPGQTGKIADYNYKLPDDFTGCVIAWNSNNLDSKVGGNYNYLYRLFRKSNLKPFERDISTEIYQAGSTPCNGVEGFNC
YFPLQSYGFQPTNGVGYQPYRVVVLSFELLHAPATVCGPHHHHHH
;
C
#
loop_
_chem_comp.id
_chem_comp.type
_chem_comp.name
_chem_comp.formula
GOL non-polymer GLYCEROL 'C3 H8 O3'
NAG D-saccharide, beta linking 2-acetamido-2-deoxy-beta-D-glucopyranose 'C8 H15 N O6'
#
# COMPACT_ATOMS: atom_id res chain seq x y z
N GLU A 1 -4.88 20.12 -8.42
CA GLU A 1 -4.16 18.85 -8.65
C GLU A 1 -3.29 18.58 -7.43
N VAL A 2 -3.65 17.50 -6.71
CA VAL A 2 -2.84 16.97 -5.62
C VAL A 2 -1.68 16.19 -6.24
N GLN A 3 -0.47 16.44 -5.75
CA GLN A 3 0.73 15.77 -6.22
C GLN A 3 1.55 15.31 -5.01
N LEU A 4 1.96 14.04 -5.00
CA LEU A 4 2.93 13.55 -4.03
C LEU A 4 4.12 13.00 -4.79
N VAL A 5 5.29 13.64 -4.66
CA VAL A 5 6.45 13.26 -5.44
C VAL A 5 7.53 12.69 -4.52
N GLU A 6 7.80 11.41 -4.68
CA GLU A 6 8.75 10.74 -3.81
C GLU A 6 10.16 10.74 -4.41
N SER A 7 11.13 10.59 -3.51
CA SER A 7 12.54 10.64 -3.83
C SER A 7 13.31 9.85 -2.77
N GLY A 8 14.53 9.44 -3.12
CA GLY A 8 15.52 8.99 -2.14
C GLY A 8 15.72 7.48 -2.11
N GLY A 9 14.87 6.73 -2.83
CA GLY A 9 15.08 5.29 -2.89
C GLY A 9 16.28 4.94 -3.77
N GLY A 10 16.94 3.82 -3.45
CA GLY A 10 18.02 3.30 -4.26
C GLY A 10 18.60 2.04 -3.63
N LEU A 11 19.83 1.70 -4.00
CA LEU A 11 20.51 0.50 -3.53
C LEU A 11 21.20 0.82 -2.21
N ILE A 12 21.11 -0.12 -1.25
CA ILE A 12 21.71 0.09 0.07
C ILE A 12 22.17 -1.27 0.58
N GLN A 13 23.37 -1.32 1.19
CA GLN A 13 23.87 -2.58 1.75
C GLN A 13 23.05 -2.96 2.98
N PRO A 14 22.92 -4.26 3.34
CA PRO A 14 22.28 -4.66 4.58
C PRO A 14 22.95 -3.97 5.77
N GLY A 15 22.14 -3.51 6.74
CA GLY A 15 22.62 -2.74 7.88
C GLY A 15 22.77 -1.24 7.59
N GLY A 16 22.69 -0.86 6.31
CA GLY A 16 22.71 0.56 5.95
C GLY A 16 21.42 1.29 6.30
N SER A 17 21.45 2.61 6.06
CA SER A 17 20.40 3.57 6.35
C SER A 17 20.07 4.32 5.07
N LEU A 18 18.82 4.76 4.95
CA LEU A 18 18.34 5.56 3.83
CA LEU A 18 18.29 5.50 3.82
C LEU A 18 17.20 6.46 4.31
N ARG A 19 17.09 7.63 3.68
CA ARG A 19 16.01 8.56 3.97
CA ARG A 19 16.03 8.58 3.96
C ARG A 19 15.19 8.80 2.70
N LEU A 20 13.87 8.58 2.81
CA LEU A 20 12.94 8.84 1.71
C LEU A 20 12.27 10.19 1.93
N SER A 21 11.92 10.84 0.82
CA SER A 21 11.23 12.12 0.80
C SER A 21 9.95 12.02 -0.01
N CYS A 22 8.97 12.83 0.38
CA CYS A 22 7.69 12.88 -0.32
C CYS A 22 7.22 14.33 -0.33
N ALA A 23 7.46 15.05 -1.44
CA ALA A 23 7.09 16.45 -1.52
C ALA A 23 5.64 16.56 -1.96
N ALA A 24 4.81 17.25 -1.17
CA ALA A 24 3.38 17.33 -1.40
C ALA A 24 3.01 18.69 -1.99
N SER A 25 1.98 18.71 -2.84
CA SER A 25 1.22 19.92 -3.14
C SER A 25 -0.27 19.59 -3.25
N GLY A 26 -1.13 20.54 -2.84
CA GLY A 26 -2.58 20.40 -2.94
C GLY A 26 -3.25 20.10 -1.60
N PHE A 27 -2.43 19.87 -0.56
CA PHE A 27 -2.87 19.83 0.83
C PHE A 27 -1.65 20.16 1.69
N THR A 28 -1.90 20.46 2.97
CA THR A 28 -0.82 20.83 3.87
C THR A 28 -0.43 19.61 4.69
N VAL A 29 0.81 19.14 4.50
CA VAL A 29 1.32 17.94 5.13
C VAL A 29 1.10 17.97 6.65
N SER A 30 1.46 19.07 7.31
CA SER A 30 1.39 19.20 8.75
C SER A 30 -0.05 19.15 9.28
N SER A 31 -1.06 19.37 8.41
CA SER A 31 -2.46 19.36 8.81
C SER A 31 -3.11 17.99 8.61
N ASN A 32 -2.36 17.02 8.10
CA ASN A 32 -2.96 15.78 7.62
C ASN A 32 -2.32 14.58 8.32
N TYR A 33 -3.08 13.49 8.40
CA TYR A 33 -2.53 12.17 8.66
C TYR A 33 -1.82 11.72 7.38
N MET A 34 -0.54 11.33 7.50
CA MET A 34 0.25 10.87 6.37
C MET A 34 0.93 9.55 6.73
N SER A 35 0.92 8.61 5.77
CA SER A 35 1.44 7.29 6.01
C SER A 35 2.49 6.94 4.96
N TRP A 36 3.34 5.97 5.31
CA TRP A 36 4.11 5.22 4.34
C TRP A 36 3.56 3.80 4.27
N VAL A 37 3.43 3.32 3.04
CA VAL A 37 2.95 1.98 2.71
C VAL A 37 3.98 1.40 1.75
N ARG A 38 4.39 0.14 1.96
CA ARG A 38 5.38 -0.44 1.08
C ARG A 38 4.86 -1.72 0.43
N GLN A 39 5.54 -2.14 -0.64
CA GLN A 39 5.17 -3.34 -1.36
C GLN A 39 6.44 -4.01 -1.86
N ALA A 40 6.76 -5.15 -1.26
CA ALA A 40 7.88 -5.97 -1.69
C ALA A 40 7.56 -6.57 -3.05
N PRO A 41 8.58 -6.83 -3.93
CA PRO A 41 8.31 -7.19 -5.33
C PRO A 41 7.42 -8.43 -5.40
N GLY A 42 6.32 -8.32 -6.16
CA GLY A 42 5.37 -9.41 -6.33
C GLY A 42 4.50 -9.69 -5.10
N LYS A 43 4.56 -8.83 -4.07
CA LYS A 43 3.78 -9.09 -2.86
C LYS A 43 2.71 -8.02 -2.66
N GLY A 44 2.00 -8.11 -1.53
CA GLY A 44 0.88 -7.22 -1.25
C GLY A 44 1.34 -5.91 -0.63
N LEU A 45 0.38 -5.08 -0.20
CA LEU A 45 0.66 -3.80 0.40
C LEU A 45 0.83 -3.98 1.90
N GLU A 46 1.82 -3.27 2.47
CA GLU A 46 2.01 -3.30 3.91
C GLU A 46 2.13 -1.87 4.45
N TRP A 47 1.17 -1.44 5.29
CA TRP A 47 1.31 -0.16 5.98
C TRP A 47 2.53 -0.20 6.92
N VAL A 48 3.30 0.89 6.95
CA VAL A 48 4.53 0.90 7.70
C VAL A 48 4.62 2.00 8.77
N SER A 49 4.09 3.21 8.51
CA SER A 49 4.23 4.26 9.51
C SER A 49 3.20 5.36 9.25
N VAL A 50 2.85 6.14 10.28
CA VAL A 50 1.90 7.24 10.16
C VAL A 50 2.37 8.38 11.06
N ILE A 51 2.12 9.62 10.62
CA ILE A 51 2.27 10.78 11.47
C ILE A 51 0.95 11.55 11.48
N TYR A 52 0.52 11.97 12.68
CA TYR A 52 -0.76 12.62 12.94
C TYR A 52 -0.58 14.13 12.80
N PRO A 53 -1.66 14.91 12.53
CA PRO A 53 -1.53 16.36 12.45
C PRO A 53 -0.87 16.98 13.69
N GLY A 54 -1.16 16.43 14.89
CA GLY A 54 -0.61 16.97 16.13
C GLY A 54 0.82 16.52 16.42
N GLY A 55 1.33 15.58 15.62
CA GLY A 55 2.73 15.20 15.67
C GLY A 55 2.97 13.75 16.16
N SER A 56 1.94 13.09 16.72
CA SER A 56 2.15 11.70 17.14
C SER A 56 2.57 10.84 15.95
N THR A 57 3.41 9.83 16.22
CA THR A 57 3.87 8.92 15.18
C THR A 57 3.72 7.49 15.67
N PHE A 58 3.43 6.57 14.72
CA PHE A 58 3.26 5.15 15.03
C PHE A 58 3.84 4.31 13.90
N TYR A 59 4.18 3.05 14.22
CA TYR A 59 4.96 2.22 13.32
C TYR A 59 4.45 0.78 13.36
N ALA A 60 4.57 0.10 12.22
CA ALA A 60 4.29 -1.33 12.13
C ALA A 60 5.31 -2.06 12.99
N ASP A 61 4.89 -3.19 13.59
CA ASP A 61 5.80 -4.00 14.38
C ASP A 61 7.04 -4.41 13.57
N SER A 62 6.85 -4.58 12.25
CA SER A 62 7.92 -5.02 11.38
C SER A 62 9.06 -4.00 11.24
N VAL A 63 8.82 -2.73 11.61
CA VAL A 63 9.82 -1.67 11.40
C VAL A 63 10.08 -0.87 12.68
N LYS A 64 9.32 -1.10 13.75
CA LYS A 64 9.44 -0.32 14.97
C LYS A 64 10.90 -0.34 15.45
N GLY A 65 11.37 0.83 15.93
CA GLY A 65 12.73 1.00 16.40
C GLY A 65 13.71 1.41 15.30
N ARG A 66 13.47 0.94 14.06
CA ARG A 66 14.39 1.14 12.95
C ARG A 66 14.01 2.35 12.08
N PHE A 67 12.71 2.63 11.96
CA PHE A 67 12.23 3.68 11.07
C PHE A 67 11.75 4.88 11.87
N THR A 68 11.86 6.07 11.26
CA THR A 68 11.37 7.28 11.89
C THR A 68 10.68 8.08 10.81
N ILE A 69 9.40 8.39 11.04
CA ILE A 69 8.65 9.26 10.15
C ILE A 69 8.76 10.68 10.68
N SER A 70 8.88 11.66 9.77
CA SER A 70 9.00 13.05 10.17
C SER A 70 8.48 13.90 9.03
N ARG A 71 8.37 15.21 9.28
CA ARG A 71 7.95 16.12 8.24
C ARG A 71 8.67 17.47 8.40
N ASP A 72 8.72 18.24 7.31
CA ASP A 72 9.20 19.61 7.30
C ASP A 72 8.09 20.50 6.74
N ASN A 73 7.57 21.38 7.60
CA ASN A 73 6.42 22.20 7.27
C ASN A 73 6.76 23.16 6.14
N SER A 74 7.95 23.76 6.20
CA SER A 74 8.32 24.83 5.28
C SER A 74 8.46 24.29 3.87
N LYS A 75 8.82 23.00 3.74
CA LYS A 75 9.01 22.34 2.46
C LYS A 75 7.79 21.50 2.09
N ASN A 76 6.78 21.47 2.98
CA ASN A 76 5.58 20.64 2.78
C ASN A 76 5.99 19.23 2.34
N THR A 77 6.93 18.64 3.09
CA THR A 77 7.52 17.36 2.72
C THR A 77 7.44 16.39 3.89
N LEU A 78 7.21 15.10 3.56
CA LEU A 78 7.19 14.00 4.51
C LEU A 78 8.47 13.18 4.27
N TYR A 79 9.05 12.65 5.36
CA TYR A 79 10.25 11.84 5.26
C TYR A 79 10.06 10.50 5.97
N LEU A 80 10.83 9.51 5.52
CA LEU A 80 10.99 8.29 6.29
C LEU A 80 12.47 7.96 6.35
N GLN A 81 12.99 7.94 7.58
CA GLN A 81 14.37 7.58 7.85
C GLN A 81 14.39 6.12 8.24
N MET A 82 15.20 5.31 7.54
CA MET A 82 15.22 3.88 7.78
C MET A 82 16.65 3.46 8.14
N ASN A 83 16.79 2.67 9.21
CA ASN A 83 18.11 2.18 9.64
C ASN A 83 18.05 0.67 9.77
N SER A 84 19.23 0.06 9.90
CA SER A 84 19.41 -1.38 10.03
C SER A 84 18.56 -2.10 8.98
N LEU A 85 18.66 -1.63 7.73
CA LEU A 85 17.90 -2.20 6.63
C LEU A 85 18.32 -3.63 6.36
N ARG A 86 17.35 -4.48 5.99
CA ARG A 86 17.65 -5.86 5.64
C ARG A 86 16.88 -6.24 4.38
N ALA A 87 17.18 -7.42 3.81
CA ALA A 87 16.58 -7.86 2.55
C ALA A 87 15.06 -7.78 2.58
N GLU A 88 14.45 -8.09 3.73
CA GLU A 88 13.00 -8.07 3.92
C GLU A 88 12.43 -6.67 3.69
N ASP A 89 13.27 -5.63 3.73
CA ASP A 89 12.81 -4.25 3.54
C ASP A 89 12.83 -3.84 2.06
N THR A 90 13.38 -4.67 1.17
CA THR A 90 13.36 -4.35 -0.25
C THR A 90 11.90 -4.24 -0.69
N ALA A 91 11.52 -3.09 -1.27
CA ALA A 91 10.12 -2.84 -1.60
C ALA A 91 10.06 -1.52 -2.35
N VAL A 92 8.92 -1.28 -3.02
CA VAL A 92 8.56 0.07 -3.42
C VAL A 92 7.85 0.72 -2.22
N TYR A 93 8.31 1.92 -1.83
CA TYR A 93 7.74 2.66 -0.71
C TYR A 93 6.86 3.76 -1.27
N TYR A 94 5.60 3.80 -0.83
CA TYR A 94 4.67 4.86 -1.20
C TYR A 94 4.37 5.73 0.00
N CYS A 95 4.22 7.04 -0.22
CA CYS A 95 3.59 7.92 0.76
C CYS A 95 2.15 8.15 0.32
N ALA A 96 1.28 8.39 1.29
CA ALA A 96 -0.14 8.56 1.03
C ALA A 96 -0.75 9.49 2.08
N ARG A 97 -1.70 10.30 1.62
CA ARG A 97 -2.51 11.10 2.54
C ARG A 97 -3.70 10.25 2.99
N GLU A 98 -4.01 10.34 4.28
CA GLU A 98 -5.02 9.48 4.90
C GLU A 98 -6.18 10.35 5.37
N VAL A 99 -7.41 9.97 5.00
CA VAL A 99 -8.62 10.61 5.48
C VAL A 99 -9.55 9.54 6.06
N ALA A 100 -9.78 9.62 7.38
CA ALA A 100 -10.57 8.64 8.13
C ALA A 100 -10.11 7.22 7.78
N GLY A 101 -8.79 6.99 7.81
CA GLY A 101 -8.21 5.67 7.67
C GLY A 101 -8.07 5.18 6.22
N THR A 102 -8.53 5.96 5.22
CA THR A 102 -8.36 5.53 3.84
C THR A 102 -7.38 6.45 3.11
N TYR A 103 -6.69 5.91 2.10
CA TYR A 103 -5.61 6.63 1.42
C TYR A 103 -6.12 7.13 0.07
N ASP A 104 -6.42 8.43 0.02
CA ASP A 104 -7.08 9.00 -1.15
C ASP A 104 -6.05 9.43 -2.19
N TYR A 105 -4.87 9.85 -1.74
CA TYR A 105 -3.80 10.23 -2.67
C TYR A 105 -2.49 9.56 -2.30
N TRP A 106 -1.78 9.08 -3.33
CA TRP A 106 -0.54 8.33 -3.19
C TRP A 106 0.56 8.98 -4.04
N GLY A 107 1.81 8.84 -3.58
CA GLY A 107 2.99 9.12 -4.37
C GLY A 107 3.19 8.06 -5.46
N GLN A 108 4.21 8.25 -6.31
CA GLN A 108 4.47 7.38 -7.46
C GLN A 108 5.24 6.15 -7.01
N GLY A 109 5.80 6.20 -5.79
CA GLY A 109 6.59 5.10 -5.27
C GLY A 109 8.08 5.34 -5.52
N THR A 110 8.92 4.82 -4.62
CA THR A 110 10.37 4.84 -4.77
C THR A 110 10.90 3.46 -4.38
N LEU A 111 11.77 2.90 -5.23
CA LEU A 111 12.26 1.57 -4.99
C LEU A 111 13.47 1.60 -4.05
N VAL A 112 13.42 0.76 -3.00
CA VAL A 112 14.54 0.57 -2.09
C VAL A 112 15.01 -0.86 -2.28
N THR A 113 16.29 -1.03 -2.67
CA THR A 113 16.83 -2.37 -2.83
C THR A 113 17.93 -2.55 -1.80
N VAL A 114 17.75 -3.54 -0.91
CA VAL A 114 18.70 -3.81 0.14
C VAL A 114 19.51 -5.04 -0.28
N SER A 115 20.78 -4.80 -0.63
CA SER A 115 21.60 -5.84 -1.24
C SER A 115 23.06 -5.45 -1.09
N SER A 116 23.91 -6.46 -0.95
CA SER A 116 25.34 -6.20 -0.91
C SER A 116 25.98 -6.27 -2.31
N ALA A 117 25.20 -6.56 -3.38
CA ALA A 117 25.72 -6.59 -4.74
C ALA A 117 26.02 -5.17 -5.26
N SER A 118 26.97 -5.04 -6.21
CA SER A 118 27.37 -3.73 -6.73
C SER A 118 26.39 -3.22 -7.76
N THR A 119 26.29 -1.89 -7.86
CA THR A 119 25.69 -1.27 -9.04
C THR A 119 26.46 -1.77 -10.28
N LYS A 120 25.70 -2.09 -11.33
CA LYS A 120 26.27 -2.47 -12.62
C LYS A 120 25.38 -1.90 -13.72
N GLY A 121 25.98 -1.07 -14.58
CA GLY A 121 25.31 -0.47 -15.72
C GLY A 121 25.04 -1.53 -16.80
N PRO A 122 24.00 -1.33 -17.64
CA PRO A 122 23.62 -2.34 -18.63
C PRO A 122 24.52 -2.33 -19.87
N SER A 123 24.58 -3.49 -20.54
CA SER A 123 25.09 -3.63 -21.89
C SER A 123 23.91 -3.68 -22.85
N VAL A 124 23.91 -2.77 -23.84
CA VAL A 124 22.81 -2.66 -24.78
C VAL A 124 23.28 -3.23 -26.12
N PHE A 125 22.53 -4.23 -26.63
CA PHE A 125 22.85 -4.90 -27.90
C PHE A 125 21.65 -4.85 -28.84
N PRO A 126 21.86 -4.75 -30.16
CA PRO A 126 20.75 -4.65 -31.12
C PRO A 126 20.05 -6.00 -31.24
N LEU A 127 18.74 -5.93 -31.47
CA LEU A 127 17.92 -7.04 -31.94
C LEU A 127 17.50 -6.71 -33.36
N ALA A 128 18.00 -7.51 -34.32
CA ALA A 128 17.71 -7.28 -35.72
C ALA A 128 17.60 -8.63 -36.40
N PRO A 129 16.75 -8.77 -37.47
CA PRO A 129 16.55 -10.07 -38.11
C PRO A 129 17.87 -10.52 -38.75
N CYS A 130 18.08 -11.84 -38.80
CA CYS A 130 19.31 -12.40 -39.33
C CYS A 130 19.55 -11.90 -40.76
N SER A 131 18.48 -11.84 -41.56
CA SER A 131 18.57 -11.32 -42.92
C SER A 131 17.30 -10.54 -43.26
N ARG A 132 17.50 -9.27 -43.65
CA ARG A 132 16.46 -8.40 -44.20
C ARG A 132 15.89 -8.96 -45.50
N SER A 133 16.70 -9.77 -46.22
CA SER A 133 16.30 -10.30 -47.52
C SER A 133 15.02 -11.14 -47.41
N THR A 134 14.79 -11.72 -46.23
CA THR A 134 13.68 -12.63 -45.97
C THR A 134 12.64 -12.01 -45.02
N SER A 135 12.75 -10.69 -44.79
CA SER A 135 11.80 -9.98 -43.91
C SER A 135 10.43 -9.87 -44.57
N GLU A 136 9.38 -10.14 -43.76
CA GLU A 136 8.01 -9.94 -44.19
C GLU A 136 7.72 -8.44 -44.20
N SER A 137 6.52 -8.04 -44.60
CA SER A 137 6.21 -6.62 -44.72
C SER A 137 6.28 -5.88 -43.38
N THR A 138 6.07 -6.60 -42.26
CA THR A 138 6.33 -6.06 -40.94
C THR A 138 7.60 -6.71 -40.40
N ALA A 139 8.54 -5.85 -39.96
CA ALA A 139 9.78 -6.32 -39.35
C ALA A 139 9.79 -5.93 -37.87
N ALA A 140 10.45 -6.75 -37.05
CA ALA A 140 10.68 -6.40 -35.66
C ALA A 140 12.15 -6.01 -35.47
N LEU A 141 12.38 -4.99 -34.63
CA LEU A 141 13.71 -4.57 -34.19
C LEU A 141 13.65 -4.43 -32.67
N GLY A 142 14.81 -4.33 -32.02
CA GLY A 142 14.76 -4.02 -30.60
C GLY A 142 16.16 -3.84 -30.01
N CYS A 143 16.20 -3.71 -28.67
CA CYS A 143 17.44 -3.67 -27.92
C CYS A 143 17.34 -4.66 -26.78
N LEU A 144 18.40 -5.41 -26.62
CA LEU A 144 18.55 -6.25 -25.45
C LEU A 144 19.38 -5.47 -24.45
N VAL A 145 18.83 -5.30 -23.24
CA VAL A 145 19.46 -4.55 -22.17
C VAL A 145 19.90 -5.57 -21.11
N LYS A 146 21.18 -5.94 -21.19
CA LYS A 146 21.69 -7.11 -20.52
C LYS A 146 22.54 -6.73 -19.31
N ASP A 147 22.39 -7.48 -18.22
CA ASP A 147 23.36 -7.59 -17.13
C ASP A 147 23.47 -6.28 -16.35
N TYR A 148 22.37 -5.83 -15.74
CA TYR A 148 22.38 -4.61 -14.94
C TYR A 148 21.88 -4.89 -13.54
N PHE A 149 22.22 -3.98 -12.61
CA PHE A 149 21.80 -4.04 -11.21
C PHE A 149 21.95 -2.68 -10.56
N PRO A 150 20.98 -2.24 -9.74
CA PRO A 150 19.67 -2.87 -9.52
C PRO A 150 18.67 -2.39 -10.56
N GLU A 151 17.38 -2.75 -10.39
CA GLU A 151 16.30 -2.13 -11.14
C GLU A 151 16.17 -0.66 -10.73
N PRO A 152 15.54 0.16 -11.58
CA PRO A 152 14.97 -0.22 -12.87
C PRO A 152 15.71 0.37 -14.06
N VAL A 153 15.39 -0.09 -15.28
CA VAL A 153 15.72 0.66 -16.49
C VAL A 153 14.43 1.13 -17.17
N THR A 154 14.53 2.25 -17.89
CA THR A 154 13.47 2.62 -18.82
C THR A 154 14.01 2.53 -20.24
N VAL A 155 13.11 2.28 -21.20
CA VAL A 155 13.47 2.30 -22.61
C VAL A 155 12.50 3.19 -23.37
N SER A 156 13.03 4.07 -24.21
CA SER A 156 12.19 4.74 -25.19
C SER A 156 12.79 4.50 -26.57
N TRP A 157 12.07 4.92 -27.62
CA TRP A 157 12.50 4.77 -29.00
C TRP A 157 12.44 6.12 -29.69
N ASN A 158 13.52 6.45 -30.39
CA ASN A 158 13.62 7.70 -31.14
C ASN A 158 13.24 8.88 -30.23
N SER A 159 13.73 8.82 -28.97
CA SER A 159 13.57 9.87 -27.97
C SER A 159 12.09 10.09 -27.65
N GLY A 160 11.28 9.04 -27.80
CA GLY A 160 9.88 9.12 -27.43
C GLY A 160 8.96 9.46 -28.61
N ALA A 161 9.53 9.69 -29.79
CA ALA A 161 8.71 9.93 -30.96
C ALA A 161 8.09 8.64 -31.50
N LEU A 162 8.69 7.49 -31.18
CA LEU A 162 8.17 6.20 -31.62
C LEU A 162 7.61 5.43 -30.41
N THR A 163 6.28 5.28 -30.40
CA THR A 163 5.58 4.66 -29.27
C THR A 163 4.68 3.53 -29.74
N SER A 164 4.10 3.68 -30.93
CA SER A 164 3.17 2.71 -31.49
C SER A 164 3.92 1.41 -31.77
N GLY A 165 3.41 0.32 -31.20
CA GLY A 165 3.94 -1.03 -31.42
C GLY A 165 5.21 -1.30 -30.62
N VAL A 166 5.52 -0.45 -29.65
CA VAL A 166 6.63 -0.71 -28.74
C VAL A 166 6.18 -1.68 -27.66
N HIS A 167 7.00 -2.71 -27.40
CA HIS A 167 6.79 -3.57 -26.24
C HIS A 167 8.09 -3.63 -25.44
N THR A 168 8.07 -3.12 -24.22
CA THR A 168 9.22 -3.25 -23.34
C THR A 168 8.87 -4.26 -22.25
N PHE A 169 9.65 -5.33 -22.18
CA PHE A 169 9.33 -6.47 -21.34
C PHE A 169 9.77 -6.22 -19.90
N PRO A 170 9.13 -6.88 -18.89
CA PRO A 170 9.64 -6.92 -17.52
C PRO A 170 11.01 -7.60 -17.48
N ALA A 171 11.90 -7.09 -16.62
CA ALA A 171 13.23 -7.68 -16.49
C ALA A 171 13.08 -9.09 -15.92
N VAL A 172 14.01 -9.97 -16.33
CA VAL A 172 14.19 -11.26 -15.68
C VAL A 172 15.47 -11.15 -14.86
N LEU A 173 15.48 -11.76 -13.67
CA LEU A 173 16.68 -11.95 -12.90
C LEU A 173 17.38 -13.20 -13.40
N GLN A 174 18.63 -13.04 -13.88
CA GLN A 174 19.42 -14.16 -14.35
C GLN A 174 20.07 -14.84 -13.15
N SER A 175 20.68 -16.01 -13.39
CA SER A 175 21.30 -16.81 -12.33
C SER A 175 22.54 -16.11 -11.78
N SER A 176 23.12 -15.20 -12.59
CA SER A 176 24.22 -14.35 -12.17
C SER A 176 23.78 -13.38 -11.06
N GLY A 177 22.48 -13.15 -10.95
CA GLY A 177 21.95 -12.15 -10.03
C GLY A 177 21.88 -10.78 -10.68
N LEU A 178 22.16 -10.72 -11.99
CA LEU A 178 21.95 -9.50 -12.79
C LEU A 178 20.64 -9.62 -13.58
N TYR A 179 19.99 -8.47 -13.82
CA TYR A 179 18.78 -8.35 -14.61
C TYR A 179 19.10 -8.19 -16.09
N SER A 180 18.12 -8.59 -16.92
CA SER A 180 18.15 -8.46 -18.36
C SER A 180 16.72 -8.23 -18.86
N LEU A 181 16.56 -7.30 -19.82
CA LEU A 181 15.28 -7.17 -20.49
C LEU A 181 15.48 -6.80 -21.96
N SER A 182 14.41 -7.02 -22.74
CA SER A 182 14.34 -6.60 -24.13
CA SER A 182 14.37 -6.56 -24.12
C SER A 182 13.26 -5.54 -24.30
N SER A 183 13.45 -4.69 -25.30
CA SER A 183 12.43 -3.78 -25.79
C SER A 183 12.38 -3.95 -27.31
N VAL A 184 11.16 -4.12 -27.85
CA VAL A 184 10.99 -4.39 -29.27
C VAL A 184 10.02 -3.39 -29.85
N VAL A 185 10.09 -3.23 -31.17
CA VAL A 185 9.13 -2.43 -31.91
C VAL A 185 8.93 -3.11 -33.26
N THR A 186 7.71 -3.03 -33.82
CA THR A 186 7.52 -3.51 -35.18
C THR A 186 7.33 -2.31 -36.09
N VAL A 187 7.90 -2.41 -37.30
CA VAL A 187 7.89 -1.31 -38.26
C VAL A 187 7.70 -1.88 -39.67
N PRO A 188 7.29 -1.06 -40.66
CA PRO A 188 7.28 -1.48 -42.07
C PRO A 188 8.70 -1.85 -42.51
N SER A 189 8.85 -3.02 -43.14
CA SER A 189 10.18 -3.46 -43.57
C SER A 189 10.74 -2.53 -44.65
N SER A 190 9.84 -1.82 -45.34
CA SER A 190 10.21 -0.89 -46.39
C SER A 190 10.96 0.31 -45.81
N SER A 191 10.74 0.59 -44.51
CA SER A 191 11.36 1.70 -43.78
CA SER A 191 11.37 1.71 -43.81
C SER A 191 12.81 1.39 -43.44
N LEU A 192 13.15 0.10 -43.36
CA LEU A 192 14.47 -0.33 -42.89
C LEU A 192 15.56 0.27 -43.78
N GLY A 193 16.54 0.94 -43.15
CA GLY A 193 17.66 1.53 -43.85
C GLY A 193 17.28 2.78 -44.66
N THR A 194 16.09 3.33 -44.40
CA THR A 194 15.72 4.68 -44.84
C THR A 194 15.22 5.49 -43.65
N LYS A 195 14.71 4.80 -42.62
CA LYS A 195 14.42 5.41 -41.33
C LYS A 195 15.38 4.82 -40.30
N THR A 196 15.74 5.61 -39.29
CA THR A 196 16.62 5.11 -38.23
C THR A 196 15.82 4.82 -36.96
N TYR A 197 16.26 3.78 -36.25
CA TYR A 197 15.63 3.33 -35.03
C TYR A 197 16.69 3.27 -33.95
N THR A 198 16.49 4.08 -32.91
CA THR A 198 17.43 4.20 -31.80
C THR A 198 16.68 3.94 -30.49
N CYS A 199 17.19 3.00 -29.69
CA CYS A 199 16.61 2.84 -28.37
C CYS A 199 17.41 3.67 -27.36
N ASN A 200 16.67 4.29 -26.45
CA ASN A 200 17.21 5.19 -25.44
C ASN A 200 17.03 4.49 -24.11
N VAL A 201 18.13 3.94 -23.58
CA VAL A 201 18.09 3.10 -22.38
C VAL A 201 18.63 3.91 -21.20
N ASP A 202 17.78 4.15 -20.18
CA ASP A 202 18.19 4.95 -19.03
C ASP A 202 18.27 4.05 -17.81
N HIS A 203 19.46 3.98 -17.21
CA HIS A 203 19.66 3.27 -15.96
C HIS A 203 20.12 4.26 -14.90
N LYS A 204 19.15 4.99 -14.34
CA LYS A 204 19.39 6.01 -13.32
C LYS A 204 20.20 5.45 -12.14
N PRO A 205 20.00 4.20 -11.66
CA PRO A 205 20.82 3.66 -10.57
C PRO A 205 22.33 3.69 -10.80
N SER A 206 22.79 3.68 -12.06
CA SER A 206 24.22 3.84 -12.35
C SER A 206 24.52 5.17 -13.03
N ASN A 207 23.53 6.07 -13.11
CA ASN A 207 23.65 7.36 -13.75
C ASN A 207 24.14 7.22 -15.20
N THR A 208 23.66 6.19 -15.89
CA THR A 208 24.08 5.88 -17.26
C THR A 208 22.86 5.86 -18.17
N LYS A 209 22.97 6.58 -19.30
CA LYS A 209 22.02 6.52 -20.40
C LYS A 209 22.78 6.06 -21.65
N VAL A 210 22.21 5.09 -22.37
CA VAL A 210 22.78 4.56 -23.61
C VAL A 210 21.78 4.83 -24.74
N ASP A 211 22.27 5.46 -25.82
CA ASP A 211 21.51 5.59 -27.06
C ASP A 211 22.15 4.66 -28.08
N LYS A 212 21.37 3.73 -28.64
CA LYS A 212 21.92 2.68 -29.47
C LYS A 212 21.09 2.59 -30.75
N ARG A 213 21.70 3.01 -31.88
CA ARG A 213 21.07 2.87 -33.18
C ARG A 213 21.11 1.39 -33.57
N VAL A 214 19.96 0.85 -33.98
CA VAL A 214 19.86 -0.56 -34.34
C VAL A 214 20.03 -0.67 -35.85
N HIS A 215 21.12 -1.33 -36.27
CA HIS A 215 21.49 -1.49 -37.67
C HIS A 215 21.10 -2.90 -38.14
N HIS A 216 21.20 -3.13 -39.47
CA HIS A 216 21.15 -4.46 -40.03
C HIS A 216 22.17 -5.37 -39.35
N HIS A 217 21.79 -6.63 -39.13
CA HIS A 217 22.67 -7.62 -38.55
C HIS A 217 23.90 -7.78 -39.45
N HIS A 218 25.10 -7.58 -38.86
CA HIS A 218 26.37 -7.59 -39.59
C HIS A 218 27.09 -8.93 -39.34
N ASP B 1 -4.99 -8.04 15.79
CA ASP B 1 -4.73 -9.27 14.98
C ASP B 1 -6.03 -9.71 14.29
N ILE B 2 -6.61 -8.76 13.54
CA ILE B 2 -7.62 -9.03 12.52
C ILE B 2 -6.91 -9.56 11.28
N GLN B 3 -7.45 -10.64 10.71
CA GLN B 3 -6.98 -11.14 9.43
C GLN B 3 -7.98 -10.72 8.35
N MET B 4 -7.44 -10.14 7.28
CA MET B 4 -8.23 -9.81 6.11
C MET B 4 -7.88 -10.82 5.03
N THR B 5 -8.91 -11.46 4.49
CA THR B 5 -8.71 -12.44 3.42
C THR B 5 -9.49 -11.94 2.21
N GLN B 6 -9.08 -12.39 1.01
CA GLN B 6 -9.83 -12.10 -0.20
C GLN B 6 -9.99 -13.36 -1.03
N SER B 7 -11.11 -13.43 -1.76
CA SER B 7 -11.47 -14.57 -2.59
CA SER B 7 -11.47 -14.57 -2.60
C SER B 7 -12.19 -14.06 -3.85
N PRO B 8 -11.95 -14.71 -5.01
CA PRO B 8 -10.94 -15.73 -5.25
C PRO B 8 -9.57 -15.04 -5.33
N SER B 9 -8.47 -15.80 -5.35
CA SER B 9 -7.17 -15.19 -5.50
C SER B 9 -6.96 -14.60 -6.91
N SER B 10 -7.62 -15.20 -7.91
CA SER B 10 -7.59 -14.66 -9.26
C SER B 10 -8.90 -14.95 -9.98
N VAL B 11 -9.25 -14.08 -10.93
CA VAL B 11 -10.42 -14.33 -11.75
C VAL B 11 -10.16 -13.83 -13.15
N SER B 12 -10.57 -14.65 -14.12
CA SER B 12 -10.47 -14.34 -15.55
C SER B 12 -11.88 -14.13 -16.11
N ALA B 13 -12.16 -12.96 -16.68
CA ALA B 13 -13.51 -12.68 -17.13
C ALA B 13 -13.47 -11.87 -18.41
N SER B 14 -14.52 -11.98 -19.24
CA SER B 14 -14.59 -11.35 -20.54
C SER B 14 -15.07 -9.91 -20.40
N VAL B 15 -14.76 -9.11 -21.42
CA VAL B 15 -15.25 -7.74 -21.49
C VAL B 15 -16.78 -7.80 -21.42
N GLY B 16 -17.37 -7.01 -20.53
CA GLY B 16 -18.81 -6.90 -20.39
C GLY B 16 -19.40 -7.84 -19.34
N ASP B 17 -18.60 -8.77 -18.81
CA ASP B 17 -19.02 -9.65 -17.74
C ASP B 17 -19.18 -8.88 -16.44
N ARG B 18 -20.02 -9.42 -15.54
CA ARG B 18 -20.11 -8.92 -14.17
C ARG B 18 -19.11 -9.72 -13.33
N VAL B 19 -18.23 -9.00 -12.64
CA VAL B 19 -17.21 -9.62 -11.81
C VAL B 19 -17.51 -9.27 -10.36
N THR B 20 -17.47 -10.29 -9.51
CA THR B 20 -17.74 -10.17 -8.09
C THR B 20 -16.57 -10.77 -7.32
N ILE B 21 -15.97 -9.95 -6.45
CA ILE B 21 -14.87 -10.43 -5.63
C ILE B 21 -15.20 -10.09 -4.17
N THR B 22 -14.63 -10.88 -3.26
CA THR B 22 -15.02 -10.99 -1.86
C THR B 22 -13.84 -10.61 -0.96
N CYS B 23 -14.14 -9.92 0.15
CA CYS B 23 -13.19 -9.59 1.20
C CYS B 23 -13.82 -10.02 2.52
N ARG B 24 -13.03 -10.64 3.40
CA ARG B 24 -13.55 -11.02 4.70
C ARG B 24 -12.63 -10.49 5.79
N ALA B 25 -13.22 -9.90 6.84
CA ALA B 25 -12.51 -9.58 8.07
C ALA B 25 -12.80 -10.67 9.12
N SER B 26 -11.78 -11.06 9.90
CA SER B 26 -11.91 -12.15 10.86
C SER B 26 -12.73 -11.75 12.09
N GLN B 27 -12.96 -10.45 12.28
CA GLN B 27 -13.88 -9.93 13.29
C GLN B 27 -14.59 -8.73 12.67
N GLY B 28 -15.72 -8.31 13.25
CA GLY B 28 -16.54 -7.28 12.62
C GLY B 28 -15.82 -5.93 12.63
N ILE B 29 -15.89 -5.22 11.49
CA ILE B 29 -15.22 -3.94 11.33
C ILE B 29 -16.23 -2.92 10.83
N SER B 30 -17.54 -3.18 11.03
CA SER B 30 -18.60 -2.30 10.57
C SER B 30 -18.45 -2.01 9.07
N SER B 31 -18.50 -0.72 8.70
CA SER B 31 -18.35 -0.29 7.32
C SER B 31 -16.97 0.32 7.05
N TRP B 32 -15.98 0.07 7.93
CA TRP B 32 -14.67 0.69 7.85
C TRP B 32 -13.79 -0.11 6.91
N LEU B 33 -14.13 -0.09 5.62
CA LEU B 33 -13.53 -0.97 4.63
C LEU B 33 -13.40 -0.19 3.31
N ALA B 34 -12.18 -0.18 2.77
CA ALA B 34 -11.88 0.50 1.51
C ALA B 34 -11.44 -0.51 0.44
N TRP B 35 -11.66 -0.17 -0.84
CA TRP B 35 -11.18 -0.97 -1.97
C TRP B 35 -10.25 -0.13 -2.85
N TYR B 36 -9.14 -0.75 -3.31
CA TYR B 36 -8.20 -0.09 -4.20
C TYR B 36 -7.98 -0.96 -5.45
N GLN B 37 -7.69 -0.31 -6.57
CA GLN B 37 -7.20 -0.98 -7.77
C GLN B 37 -5.72 -0.64 -7.94
N GLN B 38 -4.88 -1.65 -8.20
CA GLN B 38 -3.48 -1.38 -8.46
C GLN B 38 -3.09 -2.02 -9.78
N LYS B 39 -2.85 -1.15 -10.78
CA LYS B 39 -2.33 -1.53 -12.08
C LYS B 39 -0.86 -1.91 -11.90
N PRO B 40 -0.30 -2.85 -12.73
CA PRO B 40 1.13 -3.16 -12.66
C PRO B 40 1.99 -1.91 -12.80
N GLY B 41 2.93 -1.79 -11.86
CA GLY B 41 3.91 -0.70 -11.83
C GLY B 41 3.33 0.66 -11.45
N LYS B 42 2.14 0.69 -10.84
CA LYS B 42 1.53 1.96 -10.44
C LYS B 42 1.16 1.87 -8.97
N ALA B 43 0.96 3.05 -8.37
CA ALA B 43 0.43 3.16 -7.02
C ALA B 43 -1.02 2.67 -7.02
N PRO B 44 -1.52 2.09 -5.92
CA PRO B 44 -2.95 1.81 -5.78
C PRO B 44 -3.76 3.11 -5.91
N LYS B 45 -5.00 2.94 -6.40
CA LYS B 45 -5.97 4.01 -6.55
C LYS B 45 -7.20 3.64 -5.72
N LEU B 46 -7.67 4.59 -4.91
CA LEU B 46 -8.85 4.34 -4.08
C LEU B 46 -10.08 4.25 -4.98
N LEU B 47 -10.83 3.14 -4.86
CA LEU B 47 -12.09 2.96 -5.57
C LEU B 47 -13.26 3.28 -4.65
N ILE B 48 -13.25 2.68 -3.45
CA ILE B 48 -14.41 2.64 -2.56
C ILE B 48 -13.93 2.91 -1.13
N TYR B 49 -14.66 3.76 -0.40
CA TYR B 49 -14.42 3.95 1.04
C TYR B 49 -15.73 3.76 1.79
N ALA B 50 -15.65 3.54 3.10
CA ALA B 50 -16.85 3.34 3.93
C ALA B 50 -17.73 2.25 3.32
N ALA B 51 -17.05 1.22 2.77
CA ALA B 51 -17.60 -0.02 2.22
C ALA B 51 -18.38 0.18 0.91
N SER B 52 -18.99 1.35 0.69
CA SER B 52 -19.94 1.42 -0.42
C SER B 52 -19.88 2.75 -1.16
N SER B 53 -19.10 3.73 -0.65
CA SER B 53 -19.09 5.04 -1.28
C SER B 53 -18.04 5.07 -2.38
N LEU B 54 -18.46 5.53 -3.58
CA LEU B 54 -17.58 5.61 -4.74
C LEU B 54 -16.73 6.88 -4.68
N GLN B 55 -15.40 6.72 -4.79
CA GLN B 55 -14.46 7.82 -4.76
C GLN B 55 -14.67 8.68 -6.01
N SER B 56 -14.60 10.01 -5.85
CA SER B 56 -14.71 10.95 -6.96
C SER B 56 -13.76 10.55 -8.09
N GLY B 57 -14.28 10.59 -9.33
CA GLY B 57 -13.48 10.34 -10.52
C GLY B 57 -13.41 8.86 -10.90
N VAL B 58 -13.97 7.96 -10.08
CA VAL B 58 -13.89 6.53 -10.35
C VAL B 58 -15.12 6.14 -11.18
N PRO B 59 -14.99 5.29 -12.22
CA PRO B 59 -16.14 4.90 -13.04
C PRO B 59 -17.25 4.18 -12.26
N SER B 60 -18.49 4.43 -12.67
CA SER B 60 -19.68 3.96 -11.95
C SER B 60 -19.83 2.43 -11.99
N ARG B 61 -19.08 1.74 -12.87
CA ARG B 61 -19.19 0.28 -12.95
C ARG B 61 -18.63 -0.40 -11.69
N PHE B 62 -17.81 0.33 -10.91
CA PHE B 62 -17.28 -0.19 -9.65
C PHE B 62 -18.26 0.12 -8.49
N SER B 63 -18.56 -0.91 -7.69
CA SER B 63 -19.43 -0.69 -6.53
C SER B 63 -19.01 -1.61 -5.38
N GLY B 64 -19.23 -1.14 -4.15
CA GLY B 64 -18.97 -1.96 -2.97
C GLY B 64 -20.22 -2.18 -2.13
N SER B 65 -20.25 -3.30 -1.40
CA SER B 65 -21.36 -3.59 -0.50
C SER B 65 -20.85 -4.42 0.67
N GLY B 66 -21.70 -4.53 1.69
CA GLY B 66 -21.42 -5.33 2.86
C GLY B 66 -21.09 -4.47 4.08
N SER B 67 -21.19 -5.10 5.24
CA SER B 67 -20.87 -4.46 6.52
C SER B 67 -20.62 -5.58 7.52
N GLY B 68 -19.68 -5.36 8.45
CA GLY B 68 -19.38 -6.36 9.47
C GLY B 68 -18.12 -7.13 9.11
N THR B 69 -18.29 -8.35 8.57
CA THR B 69 -17.16 -9.21 8.27
C THR B 69 -17.03 -9.48 6.76
N ASP B 70 -18.12 -9.38 6.00
CA ASP B 70 -18.15 -9.84 4.62
C ASP B 70 -18.44 -8.69 3.66
N PHE B 71 -17.52 -8.47 2.72
CA PHE B 71 -17.60 -7.35 1.79
C PHE B 71 -17.48 -7.86 0.35
N THR B 72 -18.05 -7.11 -0.59
CA THR B 72 -17.97 -7.46 -1.99
C THR B 72 -17.62 -6.23 -2.82
N LEU B 73 -16.74 -6.39 -3.82
CA LEU B 73 -16.55 -5.40 -4.86
C LEU B 73 -17.12 -5.98 -6.14
N THR B 74 -17.90 -5.17 -6.85
CA THR B 74 -18.53 -5.65 -8.07
C THR B 74 -18.08 -4.74 -9.21
N ILE B 75 -17.66 -5.35 -10.32
CA ILE B 75 -17.51 -4.62 -11.56
C ILE B 75 -18.69 -5.05 -12.44
N SER B 76 -19.58 -4.09 -12.73
CA SER B 76 -20.86 -4.46 -13.33
C SER B 76 -20.67 -4.91 -14.78
N SER B 77 -19.78 -4.23 -15.51
CA SER B 77 -19.48 -4.55 -16.90
C SER B 77 -17.99 -4.33 -17.19
N LEU B 78 -17.21 -5.42 -17.09
CA LEU B 78 -15.75 -5.40 -17.13
C LEU B 78 -15.25 -4.74 -18.41
N GLN B 79 -14.30 -3.82 -18.28
CA GLN B 79 -13.70 -3.12 -19.39
C GLN B 79 -12.30 -3.69 -19.61
N PRO B 80 -11.72 -3.65 -20.83
CA PRO B 80 -10.41 -4.24 -21.08
C PRO B 80 -9.30 -3.61 -20.20
N GLU B 81 -9.47 -2.33 -19.82
CA GLU B 81 -8.50 -1.62 -18.99
C GLU B 81 -8.62 -1.99 -17.51
N ASP B 82 -9.48 -2.95 -17.15
CA ASP B 82 -9.77 -3.19 -15.74
C ASP B 82 -8.88 -4.30 -15.18
N PHE B 83 -7.96 -4.85 -15.98
CA PHE B 83 -7.08 -5.86 -15.40
C PHE B 83 -6.20 -5.16 -14.36
N ALA B 84 -6.00 -5.81 -13.19
CA ALA B 84 -5.36 -5.19 -12.05
C ALA B 84 -5.38 -6.18 -10.89
N THR B 85 -4.69 -5.81 -9.80
CA THR B 85 -4.91 -6.46 -8.52
C THR B 85 -5.77 -5.51 -7.71
N TYR B 86 -6.85 -6.05 -7.13
CA TYR B 86 -7.80 -5.29 -6.32
C TYR B 86 -7.60 -5.68 -4.86
N TYR B 87 -7.43 -4.67 -4.00
CA TYR B 87 -7.15 -4.89 -2.59
C TYR B 87 -8.27 -4.28 -1.75
N CYS B 88 -8.71 -5.04 -0.74
CA CYS B 88 -9.53 -4.42 0.29
C CYS B 88 -8.60 -3.98 1.44
N GLN B 89 -9.13 -3.10 2.30
CA GLN B 89 -8.33 -2.58 3.39
C GLN B 89 -9.24 -2.22 4.56
N GLN B 90 -8.98 -2.86 5.70
CA GLN B 90 -9.59 -2.43 6.95
C GLN B 90 -9.11 -1.02 7.27
N ALA B 91 -10.06 -0.10 7.45
CA ALA B 91 -9.78 1.31 7.59
C ALA B 91 -9.85 1.78 9.05
N ASN B 92 -10.11 0.89 10.01
CA ASN B 92 -10.25 1.35 11.40
C ASN B 92 -9.23 0.64 12.31
N SER B 93 -8.19 0.02 11.72
CA SER B 93 -7.20 -0.64 12.57
C SER B 93 -6.24 0.41 13.13
N PHE B 94 -5.68 0.11 14.30
CA PHE B 94 -4.65 0.94 14.91
C PHE B 94 -3.43 0.07 15.17
N PRO B 95 -2.20 0.57 14.94
CA PRO B 95 -1.89 1.90 14.46
C PRO B 95 -2.08 2.21 12.98
N GLY B 96 -2.25 1.18 12.15
CA GLY B 96 -2.30 1.41 10.70
C GLY B 96 -3.38 0.58 9.98
N GLY B 97 -3.64 0.93 8.71
CA GLY B 97 -4.55 0.19 7.83
C GLY B 97 -4.08 -1.25 7.65
N THR B 98 -5.02 -2.16 7.43
CA THR B 98 -4.65 -3.57 7.26
C THR B 98 -5.18 -4.02 5.91
N PHE B 99 -4.27 -4.37 4.99
CA PHE B 99 -4.65 -4.70 3.63
C PHE B 99 -4.92 -6.19 3.48
N GLY B 100 -5.92 -6.54 2.68
CA GLY B 100 -6.11 -7.91 2.25
C GLY B 100 -5.02 -8.33 1.25
N PRO B 101 -4.92 -9.63 0.90
CA PRO B 101 -3.85 -10.09 0.01
C PRO B 101 -4.04 -9.79 -1.47
N GLY B 102 -5.24 -9.32 -1.86
CA GLY B 102 -5.49 -8.90 -3.23
C GLY B 102 -6.09 -10.01 -4.09
N THR B 103 -6.88 -9.61 -5.07
CA THR B 103 -7.44 -10.52 -6.07
C THR B 103 -7.00 -10.00 -7.43
N LYS B 104 -6.38 -10.85 -8.26
CA LYS B 104 -5.89 -10.42 -9.55
C LYS B 104 -6.96 -10.71 -10.61
N VAL B 105 -7.37 -9.69 -11.36
CA VAL B 105 -8.36 -9.87 -12.41
C VAL B 105 -7.62 -9.77 -13.75
N ASP B 106 -7.87 -10.72 -14.65
CA ASP B 106 -7.34 -10.68 -16.01
C ASP B 106 -8.49 -10.77 -17.00
N ILE B 107 -8.26 -10.26 -18.23
CA ILE B 107 -9.31 -10.20 -19.23
C ILE B 107 -9.24 -11.45 -20.11
N LYS B 108 -10.36 -12.16 -20.16
CA LYS B 108 -10.53 -13.27 -21.09
C LYS B 108 -11.00 -12.75 -22.45
N ARG B 109 -10.59 -13.45 -23.52
CA ARG B 109 -10.96 -13.10 -24.89
C ARG B 109 -10.74 -14.31 -25.79
N THR B 110 -10.96 -14.12 -27.10
CA THR B 110 -10.81 -15.19 -28.08
C THR B 110 -9.33 -15.42 -28.34
N VAL B 111 -8.99 -16.62 -28.84
CA VAL B 111 -7.60 -16.93 -29.17
C VAL B 111 -7.10 -15.95 -30.21
N ALA B 112 -5.79 -15.66 -30.17
CA ALA B 112 -5.10 -14.87 -31.18
C ALA B 112 -3.69 -15.45 -31.32
N ALA B 113 -3.34 -15.83 -32.56
CA ALA B 113 -2.06 -16.46 -32.84
C ALA B 113 -0.96 -15.40 -32.77
N PRO B 114 0.21 -15.70 -32.18
CA PRO B 114 1.31 -14.73 -32.13
C PRO B 114 1.98 -14.54 -33.50
N SER B 115 2.49 -13.34 -33.77
CA SER B 115 3.51 -13.16 -34.78
C SER B 115 4.87 -13.46 -34.15
N VAL B 116 5.60 -14.40 -34.76
CA VAL B 116 6.82 -14.91 -34.15
C VAL B 116 8.03 -14.38 -34.92
N PHE B 117 9.01 -13.84 -34.18
CA PHE B 117 10.25 -13.34 -34.74
C PHE B 117 11.43 -13.91 -33.95
N ILE B 118 12.56 -14.17 -34.65
CA ILE B 118 13.76 -14.66 -34.00
C ILE B 118 14.91 -13.69 -34.31
N PHE B 119 15.79 -13.45 -33.32
CA PHE B 119 16.90 -12.53 -33.46
C PHE B 119 18.18 -13.26 -33.09
N PRO B 120 19.21 -13.23 -33.97
CA PRO B 120 20.50 -13.82 -33.64
C PRO B 120 21.19 -12.90 -32.63
N PRO B 121 22.20 -13.40 -31.86
CA PRO B 121 23.05 -12.52 -31.05
C PRO B 121 23.80 -11.53 -31.94
N SER B 122 24.10 -10.35 -31.38
CA SER B 122 24.88 -9.32 -32.06
C SER B 122 26.35 -9.73 -32.08
N ASP B 123 27.06 -9.33 -33.15
CA ASP B 123 28.51 -9.53 -33.22
C ASP B 123 29.19 -8.87 -32.01
N GLU B 124 28.68 -7.69 -31.62
CA GLU B 124 29.17 -6.95 -30.47
C GLU B 124 29.13 -7.80 -29.19
N GLN B 125 28.00 -8.47 -28.91
CA GLN B 125 27.92 -9.29 -27.71
C GLN B 125 28.83 -10.51 -27.81
N LEU B 126 28.92 -11.11 -29.02
CA LEU B 126 29.70 -12.33 -29.20
C LEU B 126 31.17 -12.11 -28.86
N LYS B 127 31.66 -10.89 -29.15
CA LYS B 127 33.02 -10.47 -28.86
C LYS B 127 33.34 -10.65 -27.37
N SER B 128 32.30 -10.65 -26.51
CA SER B 128 32.48 -10.67 -25.07
C SER B 128 32.22 -12.05 -24.48
N GLY B 129 31.96 -13.06 -25.32
CA GLY B 129 31.99 -14.45 -24.91
C GLY B 129 30.63 -15.07 -24.58
N THR B 130 29.53 -14.31 -24.76
CA THR B 130 28.19 -14.85 -24.54
C THR B 130 27.32 -14.59 -25.77
N ALA B 131 26.38 -15.51 -26.02
CA ALA B 131 25.38 -15.38 -27.07
C ALA B 131 23.99 -15.46 -26.46
N SER B 132 23.23 -14.37 -26.64
CA SER B 132 21.80 -14.32 -26.34
C SER B 132 21.02 -14.41 -27.64
N VAL B 133 20.16 -15.44 -27.77
CA VAL B 133 19.28 -15.58 -28.92
C VAL B 133 17.86 -15.26 -28.45
N VAL B 134 17.15 -14.39 -29.16
CA VAL B 134 15.87 -13.89 -28.65
C VAL B 134 14.74 -14.32 -29.59
N CYS B 135 13.63 -14.76 -29.00
CA CYS B 135 12.40 -15.07 -29.71
C CYS B 135 11.28 -14.18 -29.17
N LEU B 136 10.62 -13.46 -30.07
CA LEU B 136 9.48 -12.62 -29.76
C LEU B 136 8.18 -13.29 -30.24
N LEU B 137 7.19 -13.37 -29.34
CA LEU B 137 5.80 -13.73 -29.67
C LEU B 137 4.95 -12.48 -29.49
N ASN B 138 4.44 -11.94 -30.60
CA ASN B 138 3.82 -10.63 -30.58
C ASN B 138 2.29 -10.75 -30.61
N ASN B 139 1.62 -10.13 -29.63
CA ASN B 139 0.19 -9.82 -29.62
C ASN B 139 -0.64 -11.09 -29.73
N PHE B 140 -0.60 -11.95 -28.71
CA PHE B 140 -1.31 -13.20 -28.79
C PHE B 140 -2.23 -13.40 -27.57
N TYR B 141 -3.08 -14.43 -27.66
CA TYR B 141 -3.96 -14.85 -26.58
C TYR B 141 -4.28 -16.33 -26.78
N PRO B 142 -4.27 -17.15 -25.71
CA PRO B 142 -4.05 -16.80 -24.31
C PRO B 142 -2.57 -16.73 -23.93
N ARG B 143 -2.30 -16.44 -22.65
CA ARG B 143 -0.97 -16.24 -22.12
C ARG B 143 -0.11 -17.50 -22.30
N GLU B 144 -0.72 -18.68 -22.08
CA GLU B 144 0.00 -19.94 -22.02
C GLU B 144 0.37 -20.36 -23.45
N ALA B 145 1.65 -20.24 -23.76
CA ALA B 145 2.19 -20.70 -25.02
C ALA B 145 3.46 -21.47 -24.69
N LYS B 146 3.61 -22.65 -25.28
CA LYS B 146 4.84 -23.40 -25.10
C LYS B 146 5.87 -22.85 -26.10
N VAL B 147 6.98 -22.31 -25.55
CA VAL B 147 8.13 -21.90 -26.33
C VAL B 147 9.25 -22.93 -26.11
N GLN B 148 9.72 -23.53 -27.20
CA GLN B 148 10.81 -24.48 -27.13
CA GLN B 148 10.78 -24.52 -27.18
C GLN B 148 11.92 -24.04 -28.07
N TRP B 149 13.15 -24.03 -27.53
CA TRP B 149 14.34 -23.76 -28.31
C TRP B 149 14.93 -25.06 -28.85
N LYS B 150 15.34 -25.02 -30.12
CA LYS B 150 16.06 -26.14 -30.74
C LYS B 150 17.35 -25.61 -31.36
N VAL B 151 18.45 -26.31 -31.09
CA VAL B 151 19.75 -25.99 -31.68
C VAL B 151 20.24 -27.23 -32.44
N ASP B 152 20.38 -27.11 -33.77
CA ASP B 152 20.58 -28.24 -34.68
C ASP B 152 19.59 -29.36 -34.40
N ASN B 153 18.33 -28.98 -34.15
CA ASN B 153 17.20 -29.86 -33.94
C ASN B 153 17.24 -30.54 -32.58
N ALA B 154 18.14 -30.13 -31.69
CA ALA B 154 18.15 -30.65 -30.34
C ALA B 154 17.43 -29.69 -29.40
N LEU B 155 16.41 -30.21 -28.70
CA LEU B 155 15.59 -29.47 -27.75
C LEU B 155 16.45 -29.00 -26.58
N GLN B 156 16.37 -27.69 -26.29
CA GLN B 156 17.13 -27.10 -25.20
C GLN B 156 16.28 -27.14 -23.94
N SER B 157 16.93 -27.20 -22.77
CA SER B 157 16.24 -26.87 -21.52
C SER B 157 17.23 -26.38 -20.47
N GLY B 158 16.76 -25.51 -19.59
CA GLY B 158 17.54 -24.99 -18.48
C GLY B 158 18.32 -23.72 -18.84
N ASN B 159 18.27 -23.30 -20.11
CA ASN B 159 19.13 -22.22 -20.59
C ASN B 159 18.32 -21.10 -21.24
N SER B 160 17.02 -21.03 -20.93
CA SER B 160 16.19 -19.96 -21.46
C SER B 160 15.38 -19.35 -20.33
N GLN B 161 14.96 -18.09 -20.50
CA GLN B 161 14.06 -17.42 -19.57
C GLN B 161 13.08 -16.58 -20.40
N GLU B 162 11.85 -16.44 -19.88
CA GLU B 162 10.74 -15.79 -20.58
C GLU B 162 10.26 -14.61 -19.75
N SER B 163 9.65 -13.64 -20.43
CA SER B 163 9.04 -12.51 -19.78
C SER B 163 7.85 -12.10 -20.65
N VAL B 164 6.78 -11.56 -20.03
CA VAL B 164 5.53 -11.24 -20.71
CA VAL B 164 5.53 -11.24 -20.72
C VAL B 164 5.11 -9.81 -20.39
N THR B 165 4.61 -9.09 -21.41
CA THR B 165 4.08 -7.76 -21.19
C THR B 165 2.69 -7.85 -20.53
N GLU B 166 2.20 -6.71 -20.05
CA GLU B 166 0.85 -6.68 -19.49
C GLU B 166 -0.15 -6.69 -20.65
N GLN B 167 -1.40 -7.11 -20.37
CA GLN B 167 -2.39 -7.24 -21.41
C GLN B 167 -2.60 -5.87 -22.04
N ASP B 168 -2.75 -5.87 -23.36
CA ASP B 168 -3.00 -4.65 -24.11
C ASP B 168 -4.29 -4.03 -23.58
N SER B 169 -4.32 -2.70 -23.43
CA SER B 169 -5.42 -2.06 -22.74
C SER B 169 -6.68 -2.03 -23.60
N LYS B 170 -6.52 -2.36 -24.89
CA LYS B 170 -7.57 -2.31 -25.88
C LYS B 170 -7.96 -3.72 -26.31
N ASP B 171 -6.98 -4.57 -26.70
CA ASP B 171 -7.33 -5.86 -27.30
C ASP B 171 -6.97 -7.04 -26.40
N SER B 172 -6.38 -6.79 -25.22
CA SER B 172 -6.20 -7.80 -24.18
C SER B 172 -5.19 -8.87 -24.57
N THR B 173 -4.40 -8.64 -25.63
CA THR B 173 -3.37 -9.61 -25.98
C THR B 173 -2.11 -9.38 -25.14
N TYR B 174 -1.23 -10.39 -25.16
CA TYR B 174 0.09 -10.41 -24.54
C TYR B 174 1.16 -10.43 -25.63
N SER B 175 2.36 -9.98 -25.27
CA SER B 175 3.55 -10.34 -26.03
C SER B 175 4.52 -11.05 -25.09
N LEU B 176 5.41 -11.88 -25.64
CA LEU B 176 6.30 -12.70 -24.85
C LEU B 176 7.69 -12.62 -25.47
N SER B 177 8.71 -12.57 -24.60
CA SER B 177 10.11 -12.62 -25.00
CA SER B 177 10.11 -12.63 -25.00
C SER B 177 10.74 -13.86 -24.35
N SER B 178 11.43 -14.66 -25.16
CA SER B 178 12.22 -15.77 -24.66
C SER B 178 13.68 -15.54 -25.07
N THR B 179 14.59 -15.71 -24.11
CA THR B 179 16.02 -15.52 -24.35
C THR B 179 16.73 -16.82 -24.05
N LEU B 180 17.47 -17.32 -25.04
CA LEU B 180 18.32 -18.50 -24.89
C LEU B 180 19.75 -18.00 -24.72
N THR B 181 20.42 -18.42 -23.64
CA THR B 181 21.76 -17.93 -23.37
C THR B 181 22.75 -19.09 -23.54
N LEU B 182 23.76 -18.86 -24.39
CA LEU B 182 24.84 -19.81 -24.62
C LEU B 182 26.18 -19.08 -24.52
N SER B 183 27.25 -19.85 -24.27
CA SER B 183 28.60 -19.34 -24.46
C SER B 183 28.82 -19.12 -25.96
N LYS B 184 29.73 -18.20 -26.29
CA LYS B 184 30.15 -17.99 -27.67
C LYS B 184 30.61 -19.31 -28.29
N ALA B 185 31.42 -20.09 -27.53
CA ALA B 185 31.96 -21.38 -27.96
C ALA B 185 30.84 -22.31 -28.39
N ASP B 186 29.81 -22.47 -27.53
CA ASP B 186 28.68 -23.33 -27.81
C ASP B 186 27.91 -22.82 -29.01
N TYR B 187 27.73 -21.49 -29.09
CA TYR B 187 26.99 -20.87 -30.18
C TYR B 187 27.60 -21.22 -31.53
N GLU B 188 28.95 -21.13 -31.60
CA GLU B 188 29.71 -21.27 -32.84
C GLU B 188 29.77 -22.72 -33.29
N LYS B 189 29.46 -23.66 -32.39
CA LYS B 189 29.48 -25.09 -32.71
C LYS B 189 28.27 -25.47 -33.57
N HIS B 190 27.24 -24.63 -33.60
CA HIS B 190 25.95 -25.04 -34.16
C HIS B 190 25.46 -24.10 -35.25
N LYS B 191 24.59 -24.60 -36.13
CA LYS B 191 24.15 -23.85 -37.30
C LYS B 191 22.70 -23.35 -37.15
N VAL B 192 21.76 -24.25 -36.83
CA VAL B 192 20.34 -23.93 -36.93
C VAL B 192 19.78 -23.58 -35.54
N TYR B 193 19.26 -22.35 -35.45
CA TYR B 193 18.64 -21.83 -34.23
C TYR B 193 17.16 -21.63 -34.51
N ALA B 194 16.33 -22.31 -33.70
CA ALA B 194 14.90 -22.35 -33.95
C ALA B 194 14.14 -22.15 -32.64
N CYS B 195 13.15 -21.27 -32.72
CA CYS B 195 12.15 -21.07 -31.68
CA CYS B 195 12.17 -21.17 -31.64
C CYS B 195 10.81 -21.65 -32.15
N GLU B 196 10.29 -22.64 -31.42
CA GLU B 196 9.04 -23.32 -31.75
C GLU B 196 7.98 -22.94 -30.74
N VAL B 197 6.89 -22.37 -31.26
CA VAL B 197 5.80 -21.82 -30.45
C VAL B 197 4.56 -22.67 -30.71
N THR B 198 4.04 -23.32 -29.64
CA THR B 198 2.89 -24.20 -29.77
C THR B 198 1.72 -23.61 -28.98
N GLN B 199 0.59 -23.44 -29.67
CA GLN B 199 -0.69 -23.18 -29.03
C GLN B 199 -1.66 -24.28 -29.47
N GLY B 200 -2.16 -25.03 -28.49
CA GLY B 200 -3.03 -26.17 -28.76
C GLY B 200 -2.29 -27.25 -29.55
N THR B 201 -2.76 -27.46 -30.79
CA THR B 201 -2.22 -28.50 -31.66
C THR B 201 -1.58 -27.90 -32.91
N THR B 202 -1.23 -26.60 -32.85
CA THR B 202 -0.53 -25.91 -33.92
C THR B 202 0.80 -25.38 -33.40
N SER B 203 1.89 -25.73 -34.10
CA SER B 203 3.22 -25.21 -33.78
C SER B 203 3.74 -24.38 -34.95
N VAL B 204 4.38 -23.25 -34.62
CA VAL B 204 5.03 -22.38 -35.59
C VAL B 204 6.47 -22.24 -35.13
N THR B 205 7.41 -22.56 -36.02
CA THR B 205 8.84 -22.48 -35.77
C THR B 205 9.45 -21.40 -36.66
N LYS B 206 10.11 -20.43 -36.03
CA LYS B 206 10.97 -19.47 -36.72
C LYS B 206 12.41 -19.82 -36.45
N SER B 207 13.25 -19.74 -37.49
CA SER B 207 14.63 -20.15 -37.38
C SER B 207 15.57 -19.21 -38.13
N PHE B 208 16.87 -19.35 -37.86
CA PHE B 208 17.92 -18.83 -38.73
C PHE B 208 19.08 -19.82 -38.74
N ASN B 209 19.95 -19.64 -39.74
CA ASN B 209 21.16 -20.43 -39.92
C ASN B 209 22.36 -19.53 -39.65
N ARG B 210 23.13 -19.87 -38.61
CA ARG B 210 24.22 -19.04 -38.12
C ARG B 210 25.18 -18.68 -39.25
N GLY B 211 25.46 -19.66 -40.13
CA GLY B 211 26.37 -19.51 -41.25
C GLY B 211 25.93 -18.41 -42.21
N GLU B 212 24.66 -18.44 -42.59
CA GLU B 212 24.10 -17.47 -43.52
C GLU B 212 23.77 -16.18 -42.76
N CYS B 213 23.14 -15.24 -43.45
CA CYS B 213 22.50 -14.04 -42.91
C CYS B 213 23.48 -13.14 -42.14
N ASN C 6 -22.44 8.69 55.25
CA ASN C 6 -22.85 9.43 54.01
C ASN C 6 -21.92 9.02 52.85
N LEU C 7 -22.35 8.04 52.05
CA LEU C 7 -21.50 7.39 51.07
C LEU C 7 -21.50 8.15 49.75
N CYS C 8 -20.33 8.21 49.11
CA CYS C 8 -20.18 8.92 47.85
C CYS C 8 -21.13 8.34 46.80
N PRO C 9 -21.84 9.19 46.03
CA PRO C 9 -22.84 8.70 45.08
C PRO C 9 -22.21 8.28 43.75
N PHE C 10 -21.39 7.24 43.77
CA PHE C 10 -20.71 6.76 42.57
C PHE C 10 -21.74 6.20 41.59
N GLY C 11 -22.85 5.70 42.14
CA GLY C 11 -23.97 5.18 41.36
C GLY C 11 -24.45 6.14 40.27
N GLU C 12 -24.52 7.42 40.58
CA GLU C 12 -25.03 8.39 39.62
C GLU C 12 -24.10 8.48 38.43
N VAL C 13 -22.80 8.17 38.63
CA VAL C 13 -21.84 8.27 37.54
C VAL C 13 -21.82 6.95 36.77
N PHE C 14 -21.56 5.86 37.49
CA PHE C 14 -21.33 4.56 36.88
C PHE C 14 -22.59 4.03 36.23
N ASN C 15 -23.76 4.33 36.82
CA ASN C 15 -25.01 3.76 36.35
C ASN C 15 -25.85 4.73 35.55
N ALA C 16 -25.29 5.88 35.17
CA ALA C 16 -26.04 6.81 34.33
C ALA C 16 -26.52 6.08 33.06
N THR C 17 -27.73 6.42 32.60
CA THR C 17 -28.30 5.75 31.42
C THR C 17 -27.54 6.15 30.16
N ARG C 18 -27.30 7.46 30.02
CA ARG C 18 -26.56 8.02 28.90
C ARG C 18 -25.15 8.34 29.37
N PHE C 19 -24.16 8.10 28.50
CA PHE C 19 -22.81 8.56 28.65
C PHE C 19 -22.48 9.54 27.52
N ALA C 20 -21.56 10.47 27.78
CA ALA C 20 -21.09 11.47 26.83
C ALA C 20 -20.25 10.84 25.71
N SER C 21 -20.27 11.48 24.53
CA SER C 21 -19.20 11.26 23.55
C SER C 21 -17.90 11.76 24.16
N VAL C 22 -16.79 11.06 23.85
CA VAL C 22 -15.49 11.36 24.46
C VAL C 22 -15.05 12.80 24.18
N TYR C 23 -15.33 13.35 22.99
CA TYR C 23 -14.88 14.71 22.71
C TYR C 23 -15.56 15.69 23.68
N ALA C 24 -16.79 15.34 24.08
CA ALA C 24 -17.62 16.16 24.97
C ALA C 24 -17.71 15.51 26.34
N TRP C 25 -16.59 15.00 26.83
CA TRP C 25 -16.58 14.20 28.04
C TRP C 25 -17.23 14.94 29.20
N ASN C 26 -17.93 14.18 30.06
CA ASN C 26 -18.66 14.72 31.21
CA ASN C 26 -18.64 14.76 31.19
C ASN C 26 -17.76 14.73 32.44
N ARG C 27 -17.90 15.75 33.28
CA ARG C 27 -17.24 15.77 34.58
C ARG C 27 -18.28 15.96 35.69
N LYS C 28 -18.19 15.15 36.74
CA LYS C 28 -19.03 15.29 37.93
C LYS C 28 -18.14 15.43 39.16
N ARG C 29 -18.36 16.48 39.96
CA ARG C 29 -17.60 16.68 41.19
C ARG C 29 -18.22 15.83 42.30
N ILE C 30 -17.34 15.14 43.04
CA ILE C 30 -17.70 14.32 44.19
C ILE C 30 -17.06 14.96 45.43
N SER C 31 -17.90 15.27 46.43
CA SER C 31 -17.45 16.00 47.61
C SER C 31 -18.24 15.56 48.84
N ASN C 32 -17.63 15.75 50.02
CA ASN C 32 -18.28 15.67 51.32
C ASN C 32 -18.95 14.31 51.48
N CYS C 33 -18.17 13.24 51.38
CA CYS C 33 -18.74 11.90 51.46
C CYS C 33 -17.65 10.88 51.77
N VAL C 34 -18.08 9.67 52.11
CA VAL C 34 -17.17 8.56 52.36
C VAL C 34 -17.17 7.69 51.11
N ALA C 35 -15.95 7.44 50.59
CA ALA C 35 -15.74 6.77 49.33
C ALA C 35 -15.17 5.36 49.58
N ASP C 36 -16.05 4.35 49.51
CA ASP C 36 -15.61 2.97 49.56
C ASP C 36 -15.19 2.55 48.15
N TYR C 37 -13.91 2.79 47.86
CA TYR C 37 -13.31 2.46 46.58
C TYR C 37 -13.26 0.94 46.39
N SER C 38 -13.12 0.22 47.51
CA SER C 38 -12.97 -1.23 47.47
C SER C 38 -14.22 -1.88 46.86
N VAL C 39 -15.42 -1.31 47.11
CA VAL C 39 -16.64 -1.76 46.46
C VAL C 39 -16.46 -1.82 44.93
N LEU C 40 -15.85 -0.78 44.35
CA LEU C 40 -15.61 -0.72 42.91
C LEU C 40 -14.46 -1.66 42.55
N TYR C 41 -13.37 -1.60 43.32
CA TYR C 41 -12.17 -2.37 43.06
C TYR C 41 -12.46 -3.88 43.09
N ASN C 42 -13.36 -4.30 43.98
CA ASN C 42 -13.65 -5.72 44.17
C ASN C 42 -14.79 -6.16 43.26
N SER C 43 -15.29 -5.23 42.43
CA SER C 43 -16.43 -5.46 41.55
C SER C 43 -16.03 -6.42 40.43
N ALA C 44 -16.97 -7.30 40.02
CA ALA C 44 -16.76 -8.13 38.84
C ALA C 44 -17.13 -7.35 37.57
N SER C 45 -17.62 -6.12 37.73
CA SER C 45 -18.20 -5.40 36.61
C SER C 45 -17.13 -4.88 35.63
N PHE C 46 -15.88 -4.66 36.08
CA PHE C 46 -14.96 -3.80 35.34
C PHE C 46 -13.84 -4.61 34.69
N SER C 47 -13.52 -4.28 33.42
CA SER C 47 -12.43 -4.93 32.71
C SER C 47 -11.12 -4.16 32.89
N THR C 48 -11.21 -2.87 33.24
CA THR C 48 -10.05 -2.10 33.61
C THR C 48 -10.32 -1.43 34.96
N PHE C 49 -9.32 -1.50 35.85
CA PHE C 49 -9.28 -0.73 37.08
C PHE C 49 -7.82 -0.44 37.36
N LYS C 50 -7.34 0.74 36.94
CA LYS C 50 -5.93 1.04 37.08
C LYS C 50 -5.77 2.37 37.81
N CYS C 51 -4.85 2.42 38.77
CA CYS C 51 -4.61 3.65 39.51
C CYS C 51 -3.19 4.15 39.29
N TYR C 52 -3.01 5.45 39.48
CA TYR C 52 -1.79 6.18 39.22
C TYR C 52 -1.57 7.16 40.38
N GLY C 53 -0.35 7.19 40.92
CA GLY C 53 -0.01 8.04 42.07
C GLY C 53 -0.55 7.51 43.40
N VAL C 54 -1.21 6.35 43.40
CA VAL C 54 -1.86 5.80 44.58
C VAL C 54 -1.86 4.29 44.44
N SER C 55 -1.95 3.58 45.57
CA SER C 55 -2.07 2.13 45.53
C SER C 55 -3.55 1.75 45.50
N PRO C 56 -4.00 0.92 44.52
CA PRO C 56 -5.42 0.55 44.40
C PRO C 56 -5.98 -0.15 45.63
N THR C 57 -5.11 -0.84 46.39
CA THR C 57 -5.48 -1.63 47.55
C THR C 57 -5.56 -0.77 48.81
N LYS C 58 -5.03 0.46 48.74
CA LYS C 58 -4.94 1.36 49.89
C LYS C 58 -5.96 2.50 49.75
N LEU C 59 -6.85 2.42 48.75
CA LEU C 59 -7.70 3.55 48.40
C LEU C 59 -8.64 3.92 49.55
N ASN C 60 -9.17 2.89 50.23
CA ASN C 60 -10.10 3.06 51.34
C ASN C 60 -9.46 3.80 52.52
N ASP C 61 -8.15 4.10 52.45
CA ASP C 61 -7.45 4.77 53.53
C ASP C 61 -7.18 6.25 53.25
N LEU C 62 -7.54 6.74 52.05
CA LEU C 62 -7.03 8.06 51.66
C LEU C 62 -8.12 9.14 51.79
N CYS C 63 -7.66 10.37 52.06
CA CYS C 63 -8.51 11.56 52.10
C CYS C 63 -8.08 12.55 51.01
N PHE C 64 -9.06 13.14 50.32
CA PHE C 64 -8.80 14.18 49.33
C PHE C 64 -9.78 15.32 49.52
N THR C 65 -9.44 16.48 48.94
CA THR C 65 -10.29 17.65 49.03
C THR C 65 -11.58 17.40 48.28
N ASN C 66 -11.45 16.95 47.02
CA ASN C 66 -12.57 16.62 46.15
C ASN C 66 -12.12 15.51 45.20
N VAL C 67 -13.10 14.80 44.63
CA VAL C 67 -12.85 13.83 43.57
C VAL C 67 -13.65 14.26 42.34
N TYR C 68 -13.05 14.12 41.15
CA TYR C 68 -13.78 14.42 39.93
C TYR C 68 -13.94 13.13 39.12
N ALA C 69 -15.16 12.92 38.62
CA ALA C 69 -15.48 11.75 37.83
C ALA C 69 -15.75 12.19 36.41
N ASP C 70 -14.81 11.86 35.52
CA ASP C 70 -14.98 12.09 34.08
C ASP C 70 -15.50 10.81 33.45
N SER C 71 -16.51 10.92 32.58
CA SER C 71 -17.06 9.72 31.97
C SER C 71 -17.37 9.95 30.50
N PHE C 72 -17.28 8.87 29.73
CA PHE C 72 -17.41 8.96 28.29
C PHE C 72 -17.31 7.57 27.70
N VAL C 73 -17.54 7.49 26.38
CA VAL C 73 -17.45 6.23 25.66
C VAL C 73 -16.34 6.32 24.62
N ILE C 74 -15.52 5.27 24.53
CA ILE C 74 -14.53 5.09 23.47
C ILE C 74 -14.58 3.63 23.04
N ARG C 75 -13.71 3.22 22.10
CA ARG C 75 -13.71 1.81 21.70
C ARG C 75 -12.73 1.06 22.59
N GLY C 76 -12.91 -0.27 22.67
CA GLY C 76 -12.13 -1.12 23.55
C GLY C 76 -10.63 -0.88 23.47
N ASP C 77 -10.07 -0.80 22.26
CA ASP C 77 -8.62 -0.79 22.10
C ASP C 77 -8.05 0.59 22.38
N GLU C 78 -8.93 1.56 22.70
CA GLU C 78 -8.52 2.91 23.06
C GLU C 78 -8.44 3.12 24.58
N VAL C 79 -8.99 2.18 25.36
CA VAL C 79 -8.95 2.35 26.81
C VAL C 79 -7.52 2.57 27.31
N ARG C 80 -6.56 1.88 26.67
CA ARG C 80 -5.15 1.99 27.03
C ARG C 80 -4.62 3.42 26.82
N GLN C 81 -5.30 4.24 26.02
CA GLN C 81 -4.89 5.64 25.85
C GLN C 81 -5.28 6.51 27.05
N ILE C 82 -6.19 6.02 27.90
CA ILE C 82 -6.61 6.77 29.08
C ILE C 82 -5.69 6.39 30.23
N ALA C 83 -4.47 6.96 30.15
CA ALA C 83 -3.37 6.70 31.07
C ALA C 83 -2.36 7.81 30.86
N PRO C 84 -1.55 8.18 31.87
CA PRO C 84 -0.45 9.13 31.69
C PRO C 84 0.47 8.67 30.57
N GLY C 85 0.93 9.65 29.76
CA GLY C 85 2.05 9.47 28.83
C GLY C 85 1.68 8.69 27.56
N GLN C 86 0.38 8.62 27.21
CA GLN C 86 -0.05 7.90 26.02
C GLN C 86 -0.33 8.86 24.86
N THR C 87 -0.30 8.33 23.63
CA THR C 87 -0.64 9.08 22.43
C THR C 87 -1.63 8.29 21.58
N GLY C 88 -2.25 8.98 20.61
CA GLY C 88 -3.27 8.37 19.77
C GLY C 88 -4.41 9.38 19.60
N LYS C 89 -5.44 9.03 18.82
CA LYS C 89 -6.51 9.97 18.53
C LYS C 89 -7.20 10.40 19.83
N ILE C 90 -7.32 9.48 20.79
CA ILE C 90 -8.09 9.79 21.99
C ILE C 90 -7.25 10.70 22.90
N ALA C 91 -6.03 10.25 23.24
CA ALA C 91 -5.18 11.02 24.14
C ALA C 91 -4.84 12.38 23.51
N ASP C 92 -4.63 12.41 22.19
CA ASP C 92 -4.15 13.61 21.52
C ASP C 92 -5.27 14.62 21.33
N TYR C 93 -6.46 14.15 20.92
CA TYR C 93 -7.47 15.08 20.43
C TYR C 93 -8.76 15.07 21.24
N ASN C 94 -8.87 14.23 22.28
CA ASN C 94 -10.18 14.05 22.92
C ASN C 94 -10.13 14.17 24.43
N TYR C 95 -9.28 13.37 25.09
CA TYR C 95 -9.20 13.32 26.54
C TYR C 95 -7.77 12.99 26.94
N LYS C 96 -7.10 13.94 27.58
CA LYS C 96 -5.68 13.82 27.85
C LYS C 96 -5.41 13.84 29.36
N LEU C 97 -4.78 12.77 29.87
CA LEU C 97 -4.34 12.72 31.25
C LEU C 97 -2.90 13.23 31.37
N PRO C 98 -2.53 13.98 32.45
CA PRO C 98 -1.18 14.50 32.63
C PRO C 98 -0.22 13.41 33.11
N ASP C 99 1.09 13.64 32.93
CA ASP C 99 2.12 12.72 33.38
C ASP C 99 1.97 12.44 34.88
N ASP C 100 1.62 13.47 35.66
CA ASP C 100 1.57 13.41 37.11
C ASP C 100 0.16 13.05 37.63
N PHE C 101 -0.65 12.37 36.79
CA PHE C 101 -2.04 12.06 37.14
C PHE C 101 -2.12 11.31 38.47
N THR C 102 -3.01 11.77 39.36
CA THR C 102 -3.34 11.03 40.58
C THR C 102 -4.80 10.62 40.52
N GLY C 103 -5.04 9.33 40.36
CA GLY C 103 -6.40 8.82 40.33
C GLY C 103 -6.49 7.44 39.70
N CYS C 104 -7.73 7.03 39.36
CA CYS C 104 -8.00 5.70 38.84
C CYS C 104 -8.77 5.81 37.53
N VAL C 105 -8.57 4.83 36.65
CA VAL C 105 -9.26 4.70 35.37
C VAL C 105 -10.02 3.38 35.39
N ILE C 106 -11.33 3.47 35.15
CA ILE C 106 -12.24 2.34 35.26
C ILE C 106 -13.03 2.24 33.95
N ALA C 107 -13.08 1.02 33.40
CA ALA C 107 -13.76 0.82 32.13
C ALA C 107 -14.48 -0.53 32.11
N TRP C 108 -15.55 -0.62 31.34
CA TRP C 108 -16.27 -1.87 31.12
C TRP C 108 -16.89 -1.87 29.73
N ASN C 109 -17.03 -3.08 29.16
CA ASN C 109 -17.64 -3.25 27.84
C ASN C 109 -19.10 -2.83 27.89
N SER C 110 -19.55 -2.01 26.92
CA SER C 110 -20.93 -1.54 26.91
C SER C 110 -21.63 -1.88 25.60
N ASN C 111 -21.18 -2.95 24.92
CA ASN C 111 -21.68 -3.34 23.61
C ASN C 111 -23.19 -3.53 23.62
N ASN C 112 -23.73 -4.03 24.74
CA ASN C 112 -25.15 -4.32 24.91
C ASN C 112 -25.97 -3.03 25.01
N LEU C 113 -25.37 -1.92 25.48
CA LEU C 113 -26.11 -0.67 25.60
C LEU C 113 -25.84 0.28 24.43
N ASP C 114 -24.61 0.25 23.89
CA ASP C 114 -24.10 1.36 23.10
C ASP C 114 -23.91 1.03 21.63
N SER C 115 -24.08 -0.24 21.24
CA SER C 115 -24.09 -0.60 19.82
CA SER C 115 -24.09 -0.58 19.82
C SER C 115 -25.53 -0.67 19.33
N LYS C 116 -25.73 -0.44 18.02
CA LYS C 116 -27.05 -0.59 17.40
C LYS C 116 -26.90 -1.30 16.06
N VAL C 117 -27.92 -2.09 15.70
CA VAL C 117 -28.01 -2.74 14.41
C VAL C 117 -28.02 -1.66 13.31
N GLY C 118 -27.03 -1.75 12.42
CA GLY C 118 -26.85 -0.77 11.37
C GLY C 118 -25.85 0.32 11.74
N GLY C 119 -25.43 0.32 13.02
CA GLY C 119 -24.40 1.24 13.51
C GLY C 119 -24.98 2.38 14.34
N ASN C 120 -24.40 2.61 15.52
CA ASN C 120 -24.75 3.74 16.37
C ASN C 120 -23.95 4.94 15.88
N TYR C 121 -24.67 5.98 15.42
CA TYR C 121 -24.03 7.17 14.86
C TYR C 121 -23.98 8.30 15.91
N ASN C 122 -24.30 7.97 17.16
CA ASN C 122 -24.40 8.94 18.26
C ASN C 122 -23.02 9.21 18.86
N TYR C 123 -22.19 8.17 19.00
CA TYR C 123 -20.93 8.37 19.71
C TYR C 123 -19.86 8.86 18.74
N LEU C 124 -19.27 10.01 19.08
CA LEU C 124 -18.28 10.69 18.25
C LEU C 124 -16.95 10.84 18.99
N TYR C 125 -15.89 10.96 18.19
CA TYR C 125 -14.58 11.40 18.68
C TYR C 125 -14.06 12.47 17.71
N ARG C 126 -13.17 13.33 18.20
CA ARG C 126 -12.50 14.31 17.35
C ARG C 126 -11.39 13.60 16.59
N LEU C 127 -11.46 13.70 15.26
CA LEU C 127 -10.47 13.09 14.38
C LEU C 127 -9.43 14.12 13.94
N PHE C 128 -9.89 15.34 13.64
CA PHE C 128 -9.04 16.39 13.07
C PHE C 128 -8.86 17.52 14.07
N ARG C 129 -7.59 17.76 14.42
CA ARG C 129 -7.16 18.86 15.26
C ARG C 129 -5.69 19.12 14.98
N LYS C 130 -5.29 20.39 14.87
CA LYS C 130 -3.95 20.70 14.41
C LYS C 130 -2.90 20.51 15.50
N SER C 131 -3.33 20.61 16.77
CA SER C 131 -2.40 20.39 17.87
C SER C 131 -3.07 19.54 18.96
N ASN C 132 -2.25 18.88 19.77
CA ASN C 132 -2.72 18.02 20.85
C ASN C 132 -3.37 18.85 21.95
N LEU C 133 -4.37 18.26 22.63
CA LEU C 133 -4.94 18.82 23.84
C LEU C 133 -3.90 18.87 24.96
N LYS C 134 -4.01 19.91 25.79
CA LYS C 134 -3.35 19.97 27.09
C LYS C 134 -4.08 19.00 28.02
N PRO C 135 -3.45 18.51 29.12
CA PRO C 135 -4.16 17.62 30.05
C PRO C 135 -5.44 18.26 30.61
N PHE C 136 -6.54 17.48 30.57
CA PHE C 136 -7.87 17.82 31.06
C PHE C 136 -8.51 18.94 30.24
N GLU C 137 -7.97 19.21 29.06
CA GLU C 137 -8.61 20.16 28.15
C GLU C 137 -9.81 19.48 27.50
N ARG C 138 -10.87 20.26 27.22
CA ARG C 138 -12.08 19.77 26.58
C ARG C 138 -12.37 20.67 25.39
N ASP C 139 -12.45 20.09 24.20
CA ASP C 139 -12.71 20.86 22.99
C ASP C 139 -14.02 20.35 22.41
N ILE C 140 -15.05 21.21 22.42
CA ILE C 140 -16.34 20.81 21.85
C ILE C 140 -16.65 21.62 20.58
N SER C 141 -15.65 22.28 20.00
CA SER C 141 -15.88 23.08 18.79
C SER C 141 -16.16 22.20 17.58
N THR C 142 -16.90 22.74 16.60
CA THR C 142 -17.25 21.98 15.40
C THR C 142 -16.93 22.77 14.12
N GLU C 143 -15.85 23.57 14.14
CA GLU C 143 -15.39 24.33 12.98
C GLU C 143 -14.88 23.38 11.90
N ILE C 144 -15.22 23.67 10.65
CA ILE C 144 -14.73 22.89 9.52
C ILE C 144 -13.22 22.99 9.50
N TYR C 145 -12.55 21.83 9.42
CA TYR C 145 -11.10 21.74 9.54
C TYR C 145 -10.46 21.95 8.17
N GLN C 146 -9.54 22.92 8.12
CA GLN C 146 -8.84 23.29 6.90
C GLN C 146 -7.56 22.46 6.71
N ALA C 147 -7.63 21.47 5.81
CA ALA C 147 -6.54 20.50 5.62
C ALA C 147 -5.61 20.96 4.49
N GLY C 148 -5.98 22.04 3.79
CA GLY C 148 -5.14 22.64 2.76
C GLY C 148 -5.02 24.14 2.96
N SER C 149 -4.58 24.86 1.91
CA SER C 149 -4.29 26.29 2.03
C SER C 149 -5.49 27.13 1.62
N THR C 150 -6.52 26.48 1.05
CA THR C 150 -7.77 27.10 0.69
C THR C 150 -8.68 27.18 1.90
N PRO C 151 -9.21 28.37 2.29
CA PRO C 151 -10.20 28.47 3.36
C PRO C 151 -11.47 27.68 3.05
N CYS C 152 -12.12 27.22 4.12
CA CYS C 152 -13.32 26.39 4.03
C CYS C 152 -14.59 27.23 4.07
N ASN C 153 -14.53 28.37 4.80
CA ASN C 153 -15.66 29.28 4.95
C ASN C 153 -16.90 28.53 5.43
N GLY C 154 -16.71 27.60 6.38
CA GLY C 154 -17.79 26.90 7.06
C GLY C 154 -18.44 25.81 6.21
N VAL C 155 -17.83 25.48 5.06
CA VAL C 155 -18.44 24.57 4.10
C VAL C 155 -17.57 23.32 3.99
N GLU C 156 -18.19 22.15 4.20
CA GLU C 156 -17.53 20.86 4.07
C GLU C 156 -17.28 20.58 2.59
N GLY C 157 -16.12 19.99 2.30
CA GLY C 157 -15.79 19.53 0.95
C GLY C 157 -14.35 19.00 0.90
N PHE C 158 -13.68 19.18 -0.24
CA PHE C 158 -12.33 18.69 -0.40
C PHE C 158 -11.39 19.50 0.50
N ASN C 159 -10.57 18.81 1.29
CA ASN C 159 -9.64 19.38 2.26
C ASN C 159 -10.34 20.23 3.31
N CYS C 160 -11.66 20.03 3.46
CA CYS C 160 -12.47 20.80 4.38
C CYS C 160 -13.37 19.84 5.16
N TYR C 161 -12.93 19.40 6.34
CA TYR C 161 -13.57 18.27 7.01
C TYR C 161 -14.30 18.68 8.26
N PHE C 162 -15.47 18.07 8.47
CA PHE C 162 -16.06 18.08 9.81
C PHE C 162 -15.06 17.41 10.75
N PRO C 163 -14.71 18.02 11.92
CA PRO C 163 -13.62 17.51 12.75
C PRO C 163 -13.94 16.27 13.59
N LEU C 164 -15.24 15.97 13.78
CA LEU C 164 -15.70 14.81 14.53
C LEU C 164 -16.09 13.68 13.59
N GLN C 165 -15.85 12.44 14.03
CA GLN C 165 -16.16 11.24 13.27
C GLN C 165 -16.97 10.33 14.19
N SER C 166 -17.90 9.56 13.61
CA SER C 166 -18.66 8.59 14.37
C SER C 166 -17.90 7.26 14.43
N TYR C 167 -17.97 6.60 15.58
CA TYR C 167 -17.43 5.25 15.72
C TYR C 167 -18.24 4.25 14.89
N GLY C 168 -19.55 4.48 14.80
CA GLY C 168 -20.47 3.60 14.07
C GLY C 168 -20.55 2.21 14.70
N PHE C 169 -20.69 2.15 16.03
CA PHE C 169 -20.64 0.90 16.77
C PHE C 169 -21.74 -0.06 16.32
N GLN C 170 -21.35 -1.26 15.87
CA GLN C 170 -22.29 -2.32 15.51
C GLN C 170 -22.05 -3.49 16.45
N PRO C 171 -23.12 -4.24 16.88
CA PRO C 171 -22.94 -5.32 17.85
C PRO C 171 -22.00 -6.44 17.42
N THR C 172 -21.79 -6.56 16.11
CA THR C 172 -20.95 -7.59 15.50
C THR C 172 -19.47 -7.17 15.47
N ASN C 173 -19.15 -5.95 15.91
CA ASN C 173 -17.76 -5.50 15.91
C ASN C 173 -16.90 -6.44 16.73
N GLY C 174 -15.63 -6.61 16.31
CA GLY C 174 -14.62 -7.24 17.14
C GLY C 174 -14.54 -6.51 18.49
N VAL C 175 -14.18 -7.23 19.56
CA VAL C 175 -14.24 -6.67 20.91
C VAL C 175 -13.41 -5.38 21.02
N GLY C 176 -12.26 -5.31 20.35
CA GLY C 176 -11.39 -4.13 20.41
C GLY C 176 -12.05 -2.90 19.78
N TYR C 177 -13.14 -3.12 19.03
CA TYR C 177 -13.82 -2.06 18.31
C TYR C 177 -15.22 -1.81 18.90
N GLN C 178 -15.53 -2.52 19.99
CA GLN C 178 -16.81 -2.37 20.67
C GLN C 178 -16.74 -1.17 21.61
N PRO C 179 -17.89 -0.56 22.00
CA PRO C 179 -17.88 0.58 22.92
C PRO C 179 -17.60 0.13 24.35
N TYR C 180 -16.77 0.93 25.03
CA TYR C 180 -16.49 0.79 26.45
C TYR C 180 -16.87 2.09 27.14
N ARG C 181 -17.58 1.97 28.27
CA ARG C 181 -17.81 3.11 29.14
C ARG C 181 -16.61 3.26 30.05
N VAL C 182 -16.17 4.52 30.25
CA VAL C 182 -14.97 4.79 31.00
C VAL C 182 -15.33 5.81 32.08
N VAL C 183 -14.80 5.58 33.28
CA VAL C 183 -14.87 6.58 34.33
C VAL C 183 -13.46 6.83 34.81
N VAL C 184 -13.06 8.10 34.78
CA VAL C 184 -11.78 8.51 35.32
C VAL C 184 -12.03 9.26 36.63
N LEU C 185 -11.48 8.74 37.72
CA LEU C 185 -11.55 9.45 38.99
C LEU C 185 -10.24 10.20 39.23
N SER C 186 -10.30 11.55 39.27
CA SER C 186 -9.16 12.39 39.61
C SER C 186 -9.24 12.76 41.07
N PHE C 187 -8.11 12.64 41.78
CA PHE C 187 -8.05 12.89 43.21
C PHE C 187 -7.37 14.24 43.45
N GLU C 188 -8.12 15.22 43.97
CA GLU C 188 -7.64 16.58 44.11
C GLU C 188 -7.22 16.85 45.56
N LEU C 189 -5.99 17.34 45.74
CA LEU C 189 -5.48 17.70 47.07
CA LEU C 189 -5.46 17.70 47.06
C LEU C 189 -5.17 19.19 47.08
N LEU C 190 -6.03 19.97 47.74
CA LEU C 190 -5.80 21.40 47.95
C LEU C 190 -5.42 21.64 49.42
N HIS C 191 -4.96 22.86 49.69
CA HIS C 191 -4.68 23.30 51.06
C HIS C 191 -5.99 23.71 51.72
N ALA C 192 -6.78 22.70 52.08
CA ALA C 192 -8.09 22.92 52.68
C ALA C 192 -8.46 21.60 53.35
N PRO C 193 -9.46 21.59 54.26
CA PRO C 193 -9.91 20.32 54.85
C PRO C 193 -10.29 19.34 53.74
N ALA C 194 -10.00 18.05 53.98
CA ALA C 194 -10.43 17.01 53.05
C ALA C 194 -11.94 16.82 53.17
N THR C 195 -12.62 16.60 52.04
CA THR C 195 -14.06 16.35 52.10
C THR C 195 -14.42 14.94 51.63
N VAL C 196 -13.46 14.22 51.01
CA VAL C 196 -13.70 12.86 50.54
C VAL C 196 -12.68 11.90 51.16
N CYS C 197 -13.16 10.98 52.01
CA CYS C 197 -12.27 10.05 52.70
C CYS C 197 -12.77 8.63 52.50
N GLY C 198 -11.82 7.69 52.40
CA GLY C 198 -12.13 6.27 52.39
C GLY C 198 -12.64 5.83 53.77
N PRO C 199 -13.48 4.76 53.87
CA PRO C 199 -14.10 4.39 55.14
C PRO C 199 -13.10 3.86 56.17
N HIS C 200 -11.96 3.34 55.69
CA HIS C 200 -10.94 2.76 56.55
C HIS C 200 -9.82 3.77 56.88
N HIS C 201 -10.10 5.08 56.71
CA HIS C 201 -9.09 6.11 56.91
C HIS C 201 -8.45 6.03 58.30
C1 GOL D . -10.50 -6.18 17.36
O1 GOL D . -10.99 -6.95 18.46
C2 GOL D . -8.99 -5.93 17.36
O2 GOL D . -8.57 -5.18 18.54
C3 GOL D . -8.26 -7.26 17.20
O3 GOL D . -6.87 -7.04 17.46
C1 NAG E . -25.10 0.31 39.73
C2 NAG E . -24.41 0.36 41.07
C3 NAG E . -24.27 -1.05 41.65
C4 NAG E . -25.52 -1.90 41.58
C5 NAG E . -26.15 -1.85 40.19
C6 NAG E . -27.52 -2.52 40.19
C7 NAG E . -22.57 1.79 41.73
C8 NAG E . -21.17 2.20 41.43
N2 NAG E . -23.08 0.90 40.89
O3 NAG E . -23.90 -0.90 43.01
O4 NAG E . -25.13 -3.25 41.89
O5 NAG E . -26.30 -0.49 39.77
O6 NAG E . -28.51 -1.55 40.55
O7 NAG E . -23.24 2.26 42.66
C1 GOL F . -21.00 -1.60 35.13
O1 GOL F . -21.70 -2.66 34.47
C2 GOL F . -21.96 -0.45 35.40
O2 GOL F . -23.24 -0.95 35.77
C3 GOL F . -21.35 0.43 36.51
O3 GOL F . -21.60 -0.01 37.85
#